data_2MMR
# 
_entry.id   2MMR 
# 
_audit_conform.dict_name       mmcif_pdbx.dic 
_audit_conform.dict_version    5.391 
_audit_conform.dict_location   http://mmcif.pdb.org/dictionaries/ascii/mmcif_pdbx.dic 
# 
loop_
_database_2.database_id 
_database_2.database_code 
_database_2.pdbx_database_accession 
_database_2.pdbx_DOI 
PDB   2MMR         pdb_00002mmr 10.2210/pdb2mmr/pdb 
RCSB  RCSB103800   ?            ?                   
BMRB  19862        ?            10.13018/BMR19862   
WWPDB D_1000103800 ?            ?                   
# 
loop_
_pdbx_audit_revision_history.ordinal 
_pdbx_audit_revision_history.data_content_type 
_pdbx_audit_revision_history.major_revision 
_pdbx_audit_revision_history.minor_revision 
_pdbx_audit_revision_history.revision_date 
1 'Structure model' 1 0 2015-02-25 
2 'Structure model' 1 1 2015-12-23 
3 'Structure model' 1 2 2024-05-01 
# 
_pdbx_audit_revision_details.ordinal             1 
_pdbx_audit_revision_details.revision_ordinal    1 
_pdbx_audit_revision_details.data_content_type   'Structure model' 
_pdbx_audit_revision_details.provider            repository 
_pdbx_audit_revision_details.type                'Initial release' 
_pdbx_audit_revision_details.description         ? 
_pdbx_audit_revision_details.details             ? 
# 
loop_
_pdbx_audit_revision_group.ordinal 
_pdbx_audit_revision_group.revision_ordinal 
_pdbx_audit_revision_group.data_content_type 
_pdbx_audit_revision_group.group 
1 2 'Structure model' 'Database references'  
2 3 'Structure model' 'Data collection'      
3 3 'Structure model' 'Database references'  
4 3 'Structure model' 'Derived calculations' 
# 
loop_
_pdbx_audit_revision_category.ordinal 
_pdbx_audit_revision_category.revision_ordinal 
_pdbx_audit_revision_category.data_content_type 
_pdbx_audit_revision_category.category 
1 3 'Structure model' chem_comp_atom        
2 3 'Structure model' chem_comp_bond        
3 3 'Structure model' database_2            
4 3 'Structure model' pdbx_nmr_software     
5 3 'Structure model' pdbx_nmr_spectrometer 
6 3 'Structure model' struct_conn           
# 
loop_
_pdbx_audit_revision_item.ordinal 
_pdbx_audit_revision_item.revision_ordinal 
_pdbx_audit_revision_item.data_content_type 
_pdbx_audit_revision_item.item 
1 3 'Structure model' '_database_2.pdbx_DOI'                
2 3 'Structure model' '_database_2.pdbx_database_accession' 
3 3 'Structure model' '_pdbx_nmr_software.name'             
4 3 'Structure model' '_pdbx_nmr_spectrometer.model'        
5 3 'Structure model' '_struct_conn.pdbx_leaving_atom_flag' 
# 
_pdbx_database_status.deposit_site                    BMRB 
_pdbx_database_status.entry_id                        2MMR 
_pdbx_database_status.process_site                    RCSB 
_pdbx_database_status.recvd_initial_deposition_date   2014-03-17 
_pdbx_database_status.SG_entry                        ? 
_pdbx_database_status.status_code                     REL 
_pdbx_database_status.status_code_mr                  REL 
_pdbx_database_status.status_code_sf                  ? 
_pdbx_database_status.status_code_cs                  REL 
_pdbx_database_status.methods_development_category    ? 
_pdbx_database_status.pdb_format_compatible           Y 
_pdbx_database_status.status_code_nmr_data            ? 
# 
_pdbx_database_related.db_id          19862 
_pdbx_database_related.db_name        BMRB 
_pdbx_database_related.content_type   unspecified 
_pdbx_database_related.details        . 
# 
loop_
_audit_author.name 
_audit_author.pdbx_ordinal 
'Li, L.'    1 
'Stone, M.' 2 
# 
_citation.id                        primary 
_citation.title                     
;DNA Sequence Modulates Geometrical Isomerism of the trans-8,9-Dihydro-8-(2,6-diamino-4-oxo-3,4-dihydropyrimid-5-yl-formamido)-9-hydroxy Aflatoxin B1 Adduct.
;
_citation.journal_abbrev            Chem.Res.Toxicol. 
_citation.journal_volume            28 
_citation.page_first                225 
_citation.page_last                 237 
_citation.year                      2015 
_citation.journal_id_ASTM           CRTOEC 
_citation.country                   US 
_citation.journal_id_ISSN           0893-228X 
_citation.journal_id_CSD            2140 
_citation.book_publisher            ? 
_citation.pdbx_database_id_PubMed   25587868 
_citation.pdbx_database_id_DOI      10.1021/tx5003832 
# 
loop_
_citation_author.citation_id 
_citation_author.name 
_citation_author.ordinal 
_citation_author.identifier_ORCID 
primary 'Li, L.'      1 ? 
primary 'Brown, K.L.' 2 ? 
primary 'Ma, R.'      3 ? 
primary 'Stone, M.P.' 4 ? 
# 
loop_
_entity.id 
_entity.type 
_entity.src_method 
_entity.pdbx_description 
_entity.formula_weight 
_entity.pdbx_number_of_molecules 
_entity.pdbx_ec 
_entity.pdbx_mutation 
_entity.pdbx_fragment 
_entity.details 
1 polymer syn "DNA_(5'-D(*CP*TP*AP*AP*(FAG)P*CP*TP*TP*CP*A)-3')" 3350.281 1 ? ? ? ? 
2 polymer syn "DNA_(5'-D(*TP*GP*AP*AP*GP*CP*TP*TP*AP*G)-3')"     3084.041 1 ? ? ? ? 
# 
loop_
_entity_poly.entity_id 
_entity_poly.type 
_entity_poly.nstd_linkage 
_entity_poly.nstd_monomer 
_entity_poly.pdbx_seq_one_letter_code 
_entity_poly.pdbx_seq_one_letter_code_can 
_entity_poly.pdbx_strand_id 
_entity_poly.pdbx_target_identifier 
1 polydeoxyribonucleotide no yes '(DC)(DT)(DA)(DA)(FAG)(DC)(DT)(DT)(DC)(DA)' CTAANCTTCA A ? 
2 polydeoxyribonucleotide no no  '(DT)(DG)(DA)(DA)(DG)(DC)(DT)(DT)(DA)(DG)'  TGAAGCTTAG B ? 
# 
loop_
_entity_poly_seq.entity_id 
_entity_poly_seq.num 
_entity_poly_seq.mon_id 
_entity_poly_seq.hetero 
1 1  DC  n 
1 2  DT  n 
1 3  DA  n 
1 4  DA  n 
1 5  FAG n 
1 6  DC  n 
1 7  DT  n 
1 8  DT  n 
1 9  DC  n 
1 10 DA  n 
2 1  DT  n 
2 2  DG  n 
2 3  DA  n 
2 4  DA  n 
2 5  DG  n 
2 6  DC  n 
2 7  DT  n 
2 8  DT  n 
2 9  DA  n 
2 10 DG  n 
# 
loop_
_chem_comp.id 
_chem_comp.type 
_chem_comp.mon_nstd_flag 
_chem_comp.name 
_chem_comp.pdbx_synonyms 
_chem_comp.formula 
_chem_comp.formula_weight 
DA  'DNA linking' y "2'-DEOXYADENOSINE-5'-MONOPHOSPHATE" ? 'C10 H14 N5 O6 P'  331.222 
DC  'DNA linking' y "2'-DEOXYCYTIDINE-5'-MONOPHOSPHATE" ? 'C9 H14 N3 O7 P'   307.197 
DG  'DNA linking' y "2'-DEOXYGUANOSINE-5'-MONOPHOSPHATE" ? 'C10 H14 N5 O7 P'  347.221 
DT  'DNA linking' y "THYMIDINE-5'-MONOPHOSPHATE" ? 'C10 H15 N2 O8 P'  322.208 
FAG 'DNA linking' . 
;[1',2'-DIDEOXY[2-AMINO-5-([9-HYDROXY-AFLATOXINB2-8-YL]-FORMYL-AMINO)-6-OXO-1,6-IHYDRO-PYRIMIDIN-4-YLAMINO]-RIBOFURANOSE]-5-MONOPHOSPHATE GROUP
;
? 'C27 H28 N5 O15 P' 693.509 
# 
loop_
_pdbx_poly_seq_scheme.asym_id 
_pdbx_poly_seq_scheme.entity_id 
_pdbx_poly_seq_scheme.seq_id 
_pdbx_poly_seq_scheme.mon_id 
_pdbx_poly_seq_scheme.ndb_seq_num 
_pdbx_poly_seq_scheme.pdb_seq_num 
_pdbx_poly_seq_scheme.auth_seq_num 
_pdbx_poly_seq_scheme.pdb_mon_id 
_pdbx_poly_seq_scheme.auth_mon_id 
_pdbx_poly_seq_scheme.pdb_strand_id 
_pdbx_poly_seq_scheme.pdb_ins_code 
_pdbx_poly_seq_scheme.hetero 
A 1 1  DC  1  1  1  DC  DC  A . n 
A 1 2  DT  2  2  2  DT  DT  A . n 
A 1 3  DA  3  3  3  DA  DA  A . n 
A 1 4  DA  4  4  4  DA  DA  A . n 
A 1 5  FAG 5  5  5  FAG FAG A . n 
A 1 6  DC  6  6  6  DC  DC  A . n 
A 1 7  DT  7  7  7  DT  DT  A . n 
A 1 8  DT  8  8  8  DT  DT  A . n 
A 1 9  DC  9  9  9  DC  DC  A . n 
A 1 10 DA  10 10 10 DA  DA  A . n 
B 2 1  DT  1  11 11 DT  DT  B . n 
B 2 2  DG  2  12 12 DG  DG  B . n 
B 2 3  DA  3  13 13 DA  DA  B . n 
B 2 4  DA  4  14 14 DA  DA  B . n 
B 2 5  DG  5  15 15 DG  DG  B . n 
B 2 6  DC  6  16 16 DC  DC  B . n 
B 2 7  DT  7  17 17 DT  DT  B . n 
B 2 8  DT  8  18 18 DT  DT  B . n 
B 2 9  DA  9  19 19 DA  DA  B . n 
B 2 10 DG  10 20 20 DG  DG  B . n 
# 
_cell.entry_id           2MMR 
_cell.length_a           1.000 
_cell.length_b           1.000 
_cell.length_c           1.000 
_cell.angle_alpha        90.00 
_cell.angle_beta         90.00 
_cell.angle_gamma        90.00 
_cell.Z_PDB              1 
_cell.pdbx_unique_axis   ? 
# 
_symmetry.entry_id                         2MMR 
_symmetry.space_group_name_H-M             'P 1' 
_symmetry.pdbx_full_space_group_name_H-M   ? 
_symmetry.cell_setting                     ? 
_symmetry.Int_Tables_number                1 
# 
_exptl.absorpt_coefficient_mu     ? 
_exptl.absorpt_correction_T_max   ? 
_exptl.absorpt_correction_T_min   ? 
_exptl.absorpt_correction_type    ? 
_exptl.absorpt_process_details    ? 
_exptl.crystals_number            ? 
_exptl.details                    ? 
_exptl.entry_id                   2MMR 
_exptl.method                     'SOLUTION NMR' 
_exptl.method_details             ? 
# 
_struct.entry_id                  2MMR 
_struct.title                     'AGC FAPY modified duplex Major isomer' 
_struct.pdbx_model_details        'closest to the average, model1' 
_struct.pdbx_CASP_flag            ? 
_struct.pdbx_model_type_details   ? 
# 
_struct_keywords.entry_id        2MMR 
_struct_keywords.pdbx_keywords   DNA 
_struct_keywords.text            
;Aflatoxin B1, FAPY, FORMAMIDOPYRIMIDINE, INTERCALATION, DNA ADDUCT, DEOXYRIBONUCLEIC ACID, HYDROGEN BOND, SEQUENCE DEPENDENCE, AGC, MAJOR ISOMER, DNA
;
# 
loop_
_struct_asym.id 
_struct_asym.pdbx_blank_PDB_chainid_flag 
_struct_asym.pdbx_modified 
_struct_asym.entity_id 
_struct_asym.details 
A N N 1 ? 
B N N 2 ? 
# 
loop_
_struct_ref.id 
_struct_ref.db_name 
_struct_ref.db_code 
_struct_ref.pdbx_db_accession 
_struct_ref.entity_id 
_struct_ref.pdbx_align_begin 
_struct_ref.pdbx_seq_one_letter_code 
_struct_ref.pdbx_db_isoform 
1 PDB 2MMR 2MMR 1 ? ? ? 
2 PDB 2MMR 2MMR 2 ? ? ? 
# 
loop_
_struct_ref_seq.align_id 
_struct_ref_seq.ref_id 
_struct_ref_seq.pdbx_PDB_id_code 
_struct_ref_seq.pdbx_strand_id 
_struct_ref_seq.seq_align_beg 
_struct_ref_seq.pdbx_seq_align_beg_ins_code 
_struct_ref_seq.seq_align_end 
_struct_ref_seq.pdbx_seq_align_end_ins_code 
_struct_ref_seq.pdbx_db_accession 
_struct_ref_seq.db_align_beg 
_struct_ref_seq.pdbx_db_align_beg_ins_code 
_struct_ref_seq.db_align_end 
_struct_ref_seq.pdbx_db_align_end_ins_code 
_struct_ref_seq.pdbx_auth_seq_align_beg 
_struct_ref_seq.pdbx_auth_seq_align_end 
1 1 2MMR A 1 ? 10 ? 2MMR 1  ? 10 ? 1  10 
2 2 2MMR B 1 ? 10 ? 2MMR 11 ? 20 ? 11 20 
# 
_pdbx_struct_assembly.id                   1 
_pdbx_struct_assembly.details              author_defined_assembly 
_pdbx_struct_assembly.method_details       ? 
_pdbx_struct_assembly.oligomeric_details   dimeric 
_pdbx_struct_assembly.oligomeric_count     2 
# 
_pdbx_struct_assembly_gen.assembly_id       1 
_pdbx_struct_assembly_gen.oper_expression   1 
_pdbx_struct_assembly_gen.asym_id_list      A,B 
# 
_pdbx_struct_oper_list.id                   1 
_pdbx_struct_oper_list.type                 'identity operation' 
_pdbx_struct_oper_list.name                 1_555 
_pdbx_struct_oper_list.symmetry_operation   x,y,z 
_pdbx_struct_oper_list.matrix[1][1]         1.0000000000 
_pdbx_struct_oper_list.matrix[1][2]         0.0000000000 
_pdbx_struct_oper_list.matrix[1][3]         0.0000000000 
_pdbx_struct_oper_list.vector[1]            0.0000000000 
_pdbx_struct_oper_list.matrix[2][1]         0.0000000000 
_pdbx_struct_oper_list.matrix[2][2]         1.0000000000 
_pdbx_struct_oper_list.matrix[2][3]         0.0000000000 
_pdbx_struct_oper_list.vector[2]            0.0000000000 
_pdbx_struct_oper_list.matrix[3][1]         0.0000000000 
_pdbx_struct_oper_list.matrix[3][2]         0.0000000000 
_pdbx_struct_oper_list.matrix[3][3]         1.0000000000 
_pdbx_struct_oper_list.vector[3]            0.0000000000 
# 
_struct_biol.id        1 
_struct_biol.details   ? 
# 
loop_
_struct_conn.id 
_struct_conn.conn_type_id 
_struct_conn.pdbx_leaving_atom_flag 
_struct_conn.pdbx_PDB_id 
_struct_conn.ptnr1_label_asym_id 
_struct_conn.ptnr1_label_comp_id 
_struct_conn.ptnr1_label_seq_id 
_struct_conn.ptnr1_label_atom_id 
_struct_conn.pdbx_ptnr1_label_alt_id 
_struct_conn.pdbx_ptnr1_PDB_ins_code 
_struct_conn.pdbx_ptnr1_standard_comp_id 
_struct_conn.ptnr1_symmetry 
_struct_conn.ptnr2_label_asym_id 
_struct_conn.ptnr2_label_comp_id 
_struct_conn.ptnr2_label_seq_id 
_struct_conn.ptnr2_label_atom_id 
_struct_conn.pdbx_ptnr2_label_alt_id 
_struct_conn.pdbx_ptnr2_PDB_ins_code 
_struct_conn.ptnr1_auth_asym_id 
_struct_conn.ptnr1_auth_comp_id 
_struct_conn.ptnr1_auth_seq_id 
_struct_conn.ptnr2_auth_asym_id 
_struct_conn.ptnr2_auth_comp_id 
_struct_conn.ptnr2_auth_seq_id 
_struct_conn.ptnr2_symmetry 
_struct_conn.pdbx_ptnr3_label_atom_id 
_struct_conn.pdbx_ptnr3_label_seq_id 
_struct_conn.pdbx_ptnr3_label_comp_id 
_struct_conn.pdbx_ptnr3_label_asym_id 
_struct_conn.pdbx_ptnr3_label_alt_id 
_struct_conn.pdbx_ptnr3_PDB_ins_code 
_struct_conn.details 
_struct_conn.pdbx_dist_value 
_struct_conn.pdbx_value_order 
_struct_conn.pdbx_role 
covale1  covale both ? A DA  4  "O3'" ? ? ? 1_555 A FAG 5  P  ? ? A DA  4  A FAG 5  1_555 ? ? ? ? ? ? ?            1.613 ? ? 
covale2  covale one  ? A FAG 5  "O3'" ? ? ? 1_555 A DC  6  P  ? ? A FAG 5  A DC  6  1_555 ? ? ? ? ? ? ?            1.604 ? ? 
hydrog1  hydrog ?    ? A DC  1  N3    ? ? ? 1_555 B DG  10 N1 ? ? A DC  1  B DG  20 1_555 ? ? ? ? ? ? WATSON-CRICK ?     ? ? 
hydrog2  hydrog ?    ? A DC  1  N4    ? ? ? 1_555 B DG  10 O6 ? ? A DC  1  B DG  20 1_555 ? ? ? ? ? ? WATSON-CRICK ?     ? ? 
hydrog3  hydrog ?    ? A DC  1  O2    ? ? ? 1_555 B DG  10 N2 ? ? A DC  1  B DG  20 1_555 ? ? ? ? ? ? WATSON-CRICK ?     ? ? 
hydrog4  hydrog ?    ? A DT  2  N3    ? ? ? 1_555 B DA  9  N1 ? ? A DT  2  B DA  19 1_555 ? ? ? ? ? ? WATSON-CRICK ?     ? ? 
hydrog5  hydrog ?    ? A DT  2  O4    ? ? ? 1_555 B DA  9  N6 ? ? A DT  2  B DA  19 1_555 ? ? ? ? ? ? WATSON-CRICK ?     ? ? 
hydrog6  hydrog ?    ? A DA  3  N1    ? ? ? 1_555 B DT  8  N3 ? ? A DA  3  B DT  18 1_555 ? ? ? ? ? ? WATSON-CRICK ?     ? ? 
hydrog7  hydrog ?    ? A DA  3  N6    ? ? ? 1_555 B DT  8  O4 ? ? A DA  3  B DT  18 1_555 ? ? ? ? ? ? WATSON-CRICK ?     ? ? 
hydrog8  hydrog ?    ? A DA  4  N1    ? ? ? 1_555 B DT  7  N3 ? ? A DA  4  B DT  17 1_555 ? ? ? ? ? ? WATSON-CRICK ?     ? ? 
hydrog9  hydrog ?    ? A DA  4  N6    ? ? ? 1_555 B DT  7  O4 ? ? A DA  4  B DT  17 1_555 ? ? ? ? ? ? WATSON-CRICK ?     ? ? 
hydrog10 hydrog ?    ? A DC  6  N3    ? ? ? 1_555 B DG  5  N1 ? ? A DC  6  B DG  15 1_555 ? ? ? ? ? ? WATSON-CRICK ?     ? ? 
hydrog11 hydrog ?    ? A DC  6  N4    ? ? ? 1_555 B DG  5  O6 ? ? A DC  6  B DG  15 1_555 ? ? ? ? ? ? WATSON-CRICK ?     ? ? 
hydrog12 hydrog ?    ? A DC  6  O2    ? ? ? 1_555 B DG  5  N2 ? ? A DC  6  B DG  15 1_555 ? ? ? ? ? ? WATSON-CRICK ?     ? ? 
hydrog13 hydrog ?    ? A DT  7  N3    ? ? ? 1_555 B DA  4  N1 ? ? A DT  7  B DA  14 1_555 ? ? ? ? ? ? WATSON-CRICK ?     ? ? 
hydrog14 hydrog ?    ? A DT  7  O4    ? ? ? 1_555 B DA  4  N6 ? ? A DT  7  B DA  14 1_555 ? ? ? ? ? ? WATSON-CRICK ?     ? ? 
hydrog15 hydrog ?    ? A DT  8  N3    ? ? ? 1_555 B DA  3  N1 ? ? A DT  8  B DA  13 1_555 ? ? ? ? ? ? WATSON-CRICK ?     ? ? 
hydrog16 hydrog ?    ? A DT  8  O4    ? ? ? 1_555 B DA  3  N6 ? ? A DT  8  B DA  13 1_555 ? ? ? ? ? ? WATSON-CRICK ?     ? ? 
hydrog17 hydrog ?    ? A DC  9  N3    ? ? ? 1_555 B DG  2  N1 ? ? A DC  9  B DG  12 1_555 ? ? ? ? ? ? WATSON-CRICK ?     ? ? 
hydrog18 hydrog ?    ? A DC  9  N4    ? ? ? 1_555 B DG  2  O6 ? ? A DC  9  B DG  12 1_555 ? ? ? ? ? ? WATSON-CRICK ?     ? ? 
hydrog19 hydrog ?    ? A DC  9  O2    ? ? ? 1_555 B DG  2  N2 ? ? A DC  9  B DG  12 1_555 ? ? ? ? ? ? WATSON-CRICK ?     ? ? 
hydrog20 hydrog ?    ? A DA  10 N1    ? ? ? 1_555 B DT  1  N3 ? ? A DA  10 B DT  11 1_555 ? ? ? ? ? ? WATSON-CRICK ?     ? ? 
hydrog21 hydrog ?    ? A DA  10 N6    ? ? ? 1_555 B DT  1  O4 ? ? A DA  10 B DT  11 1_555 ? ? ? ? ? ? WATSON-CRICK ?     ? ? 
# 
loop_
_struct_conn_type.id 
_struct_conn_type.criteria 
_struct_conn_type.reference 
covale ? ? 
hydrog ? ? 
# 
loop_
_pdbx_validate_rmsd_angle.id 
_pdbx_validate_rmsd_angle.PDB_model_num 
_pdbx_validate_rmsd_angle.auth_atom_id_1 
_pdbx_validate_rmsd_angle.auth_asym_id_1 
_pdbx_validate_rmsd_angle.auth_comp_id_1 
_pdbx_validate_rmsd_angle.auth_seq_id_1 
_pdbx_validate_rmsd_angle.PDB_ins_code_1 
_pdbx_validate_rmsd_angle.label_alt_id_1 
_pdbx_validate_rmsd_angle.auth_atom_id_2 
_pdbx_validate_rmsd_angle.auth_asym_id_2 
_pdbx_validate_rmsd_angle.auth_comp_id_2 
_pdbx_validate_rmsd_angle.auth_seq_id_2 
_pdbx_validate_rmsd_angle.PDB_ins_code_2 
_pdbx_validate_rmsd_angle.label_alt_id_2 
_pdbx_validate_rmsd_angle.auth_atom_id_3 
_pdbx_validate_rmsd_angle.auth_asym_id_3 
_pdbx_validate_rmsd_angle.auth_comp_id_3 
_pdbx_validate_rmsd_angle.auth_seq_id_3 
_pdbx_validate_rmsd_angle.PDB_ins_code_3 
_pdbx_validate_rmsd_angle.label_alt_id_3 
_pdbx_validate_rmsd_angle.angle_value 
_pdbx_validate_rmsd_angle.angle_target_value 
_pdbx_validate_rmsd_angle.angle_deviation 
_pdbx_validate_rmsd_angle.angle_standard_deviation 
_pdbx_validate_rmsd_angle.linker_flag 
1  1 N1    A DC 1  ? ? C2    A DC 1  ? ? O2 A DC 1  ? ? 123.69 118.90 4.79  0.60 N 
2  1 N3    A DC 1  ? ? C2    A DC 1  ? ? O2 A DC 1  ? ? 114.85 121.90 -7.05 0.70 N 
3  1 C6    A DT 2  ? ? C5    A DT 2  ? ? C7 A DT 2  ? ? 119.29 122.90 -3.61 0.60 N 
4  1 "O4'" A DA 3  ? ? "C1'" A DA 3  ? ? N9 A DA 3  ? ? 110.12 108.30 1.82  0.30 N 
5  1 C4    A DA 3  ? ? C5    A DA 3  ? ? C6 A DA 3  ? ? 113.78 117.00 -3.22 0.50 N 
6  1 C5    A DA 3  ? ? C6    A DA 3  ? ? N1 A DA 3  ? ? 121.87 117.70 4.17  0.50 N 
7  1 N1    A DA 3  ? ? C6    A DA 3  ? ? N6 A DA 3  ? ? 113.78 118.60 -4.82 0.60 N 
8  1 C4    A DA 4  ? ? C5    A DA 4  ? ? C6 A DA 4  ? ? 112.86 117.00 -4.14 0.50 N 
9  1 C5    A DA 4  ? ? C6    A DA 4  ? ? N1 A DA 4  ? ? 122.45 117.70 4.75  0.50 N 
10 1 N1    A DA 4  ? ? C6    A DA 4  ? ? N6 A DA 4  ? ? 113.38 118.60 -5.22 0.60 N 
11 1 "O4'" A DC 6  ? ? "C1'" A DC 6  ? ? N1 A DC 6  ? ? 110.38 108.30 2.08  0.30 N 
12 1 N3    A DC 6  ? ? C2    A DC 6  ? ? O2 A DC 6  ? ? 117.33 121.90 -4.57 0.70 N 
13 1 N3    A DT 8  ? ? C2    A DT 8  ? ? O2 A DT 8  ? ? 117.90 122.30 -4.40 0.60 N 
14 1 "O4'" A DC 9  ? ? "C1'" A DC 9  ? ? N1 A DC 9  ? ? 110.45 108.30 2.15  0.30 N 
15 1 N3    A DC 9  ? ? C4    A DC 9  ? ? C5 A DC 9  ? ? 125.16 121.90 3.26  0.40 N 
16 1 N3    A DC 9  ? ? C2    A DC 9  ? ? O2 A DC 9  ? ? 116.28 121.90 -5.62 0.70 N 
17 1 "O4'" A DA 10 ? ? "C1'" A DA 10 ? ? N9 A DA 10 ? ? 110.97 108.30 2.67  0.30 N 
18 1 C4    A DA 10 ? ? C5    A DA 10 ? ? C6 A DA 10 ? ? 113.79 117.00 -3.21 0.50 N 
19 1 C5    A DA 10 ? ? C6    A DA 10 ? ? N1 A DA 10 ? ? 121.29 117.70 3.59  0.50 N 
20 1 N1    A DA 10 ? ? C6    A DA 10 ? ? N6 A DA 10 ? ? 114.25 118.60 -4.35 0.60 N 
21 1 "O4'" B DT 11 ? ? "C1'" B DT 11 ? ? N1 B DT 11 ? ? 110.52 108.30 2.22  0.30 N 
22 1 C6    B DT 11 ? ? C5    B DT 11 ? ? C7 B DT 11 ? ? 119.17 122.90 -3.73 0.60 N 
23 1 "O4'" B DG 12 ? ? "C1'" B DG 12 ? ? N9 B DG 12 ? ? 112.26 108.30 3.96  0.30 N 
24 1 N3    B DG 12 ? ? C4    B DG 12 ? ? C5 B DG 12 ? ? 125.56 128.60 -3.04 0.50 N 
25 1 N1    B DG 12 ? ? C6    B DG 12 ? ? O6 B DG 12 ? ? 115.74 119.90 -4.16 0.60 N 
26 1 "O4'" B DA 13 ? ? "C1'" B DA 13 ? ? N9 B DA 13 ? ? 110.43 108.30 2.13  0.30 N 
27 1 N1    B DA 13 ? ? C2    B DA 13 ? ? N3 B DA 13 ? ? 126.03 129.30 -3.27 0.50 N 
28 1 C4    B DA 13 ? ? C5    B DA 13 ? ? C6 B DA 13 ? ? 113.17 117.00 -3.83 0.50 N 
29 1 C5    B DA 13 ? ? C6    B DA 13 ? ? N1 B DA 13 ? ? 121.92 117.70 4.22  0.50 N 
30 1 N1    B DA 13 ? ? C6    B DA 13 ? ? N6 B DA 13 ? ? 112.86 118.60 -5.74 0.60 N 
31 1 "O4'" B DA 14 ? ? "C1'" B DA 14 ? ? N9 B DA 14 ? ? 111.62 108.30 3.32  0.30 N 
32 1 C4    B DA 14 ? ? C5    B DA 14 ? ? C6 B DA 14 ? ? 113.16 117.00 -3.84 0.50 N 
33 1 C5    B DA 14 ? ? C6    B DA 14 ? ? N1 B DA 14 ? ? 121.22 117.70 3.52  0.50 N 
34 1 N1    B DA 14 ? ? C6    B DA 14 ? ? N6 B DA 14 ? ? 114.32 118.60 -4.28 0.60 N 
35 1 "O4'" B DG 15 ? ? "C1'" B DG 15 ? ? N9 B DG 15 ? ? 111.36 108.30 3.06  0.30 N 
36 1 "O4'" B DC 16 ? ? "C1'" B DC 16 ? ? N1 B DC 16 ? ? 110.58 108.30 2.28  0.30 N 
37 1 N3    B DC 16 ? ? C4    B DC 16 ? ? C5 B DC 16 ? ? 124.34 121.90 2.44  0.40 N 
38 1 N3    B DC 16 ? ? C2    B DC 16 ? ? O2 B DC 16 ? ? 117.00 121.90 -4.90 0.70 N 
39 1 "O4'" B DT 17 ? ? "C1'" B DT 17 ? ? N1 B DT 17 ? ? 110.11 108.30 1.81  0.30 N 
40 1 C4    B DT 17 ? ? C5    B DT 17 ? ? C6 B DT 17 ? ? 121.70 118.00 3.70  0.60 N 
41 1 C5    B DT 17 ? ? C6    B DT 17 ? ? N1 B DT 17 ? ? 119.95 123.70 -3.75 0.60 N 
42 1 N3    B DT 17 ? ? C2    B DT 17 ? ? O2 B DT 17 ? ? 118.49 122.30 -3.81 0.60 N 
43 1 C6    B DT 17 ? ? C5    B DT 17 ? ? C7 B DT 17 ? ? 118.18 122.90 -4.72 0.60 N 
44 1 "O4'" B DT 18 ? ? "C1'" B DT 18 ? ? N1 B DT 18 ? ? 111.28 108.30 2.98  0.30 N 
45 1 C4    B DA 19 ? ? C5    B DA 19 ? ? C6 B DA 19 ? ? 113.48 117.00 -3.52 0.50 N 
46 1 C5    B DA 19 ? ? C6    B DA 19 ? ? N1 B DA 19 ? ? 121.45 117.70 3.75  0.50 N 
47 1 N1    B DA 19 ? ? C6    B DA 19 ? ? N6 B DA 19 ? ? 113.70 118.60 -4.90 0.60 N 
# 
_pdbx_validate_planes.id              1 
_pdbx_validate_planes.PDB_model_num   1 
_pdbx_validate_planes.auth_comp_id    DA 
_pdbx_validate_planes.auth_asym_id    A 
_pdbx_validate_planes.auth_seq_id     4 
_pdbx_validate_planes.PDB_ins_code    ? 
_pdbx_validate_planes.label_alt_id    ? 
_pdbx_validate_planes.rmsd            0.053 
_pdbx_validate_planes.type            'SIDE CHAIN' 
# 
_pdbx_nmr_ensemble.average_constraint_violations_per_residue     ? 
_pdbx_nmr_ensemble.average_constraints_per_residue               ? 
_pdbx_nmr_ensemble.average_distance_constraint_violation         ? 
_pdbx_nmr_ensemble.average_torsion_angle_constraint_violation    ? 
_pdbx_nmr_ensemble.conformer_selection_criteria                  'back calculated data agree with experimental NOESY spectrum' 
_pdbx_nmr_ensemble.conformers_calculated_total_number            10 
_pdbx_nmr_ensemble.conformers_submitted_total_number             1 
_pdbx_nmr_ensemble.distance_constraint_violation_method          ? 
_pdbx_nmr_ensemble.entry_id                                      2MMR 
_pdbx_nmr_ensemble.maximum_distance_constraint_violation         ? 
_pdbx_nmr_ensemble.maximum_lower_distance_constraint_violation   ? 
_pdbx_nmr_ensemble.maximum_torsion_angle_constraint_violation    ? 
_pdbx_nmr_ensemble.maximum_upper_distance_constraint_violation   ? 
_pdbx_nmr_ensemble.torsion_angle_constraint_violation_method     ? 
# 
_pdbx_nmr_representative.conformer_id         1 
_pdbx_nmr_representative.entry_id             2MMR 
_pdbx_nmr_representative.selection_criteria   'closest to the average' 
# 
_pdbx_nmr_sample_details.contents         
;0.5 mM DNA (5'-D(*CP*TP*AP*AP*(FAG)P*CP*TP*TP*CP*A)-3'), 0.5 mM DNA (5'-D(*TP*GP*AP*AP*GP*CP*TP*TP*AP*G)-3'), 100% D2O
;
_pdbx_nmr_sample_details.solution_id      1 
_pdbx_nmr_sample_details.solvent_system   '100% D2O' 
# 
loop_
_pdbx_nmr_exptl_sample.component 
_pdbx_nmr_exptl_sample.concentration 
_pdbx_nmr_exptl_sample.concentration_range 
_pdbx_nmr_exptl_sample.concentration_units 
_pdbx_nmr_exptl_sample.isotopic_labeling 
_pdbx_nmr_exptl_sample.solution_id 
;DNA (5'-D(*CP*TP*AP*AP*(FAG)P*CP*TP*TP*CP*A)-3')-1
;
0.5 ? mM ? 1 
;DNA (5'-D(*TP*GP*AP*AP*GP*CP*TP*TP*AP*G)-3')-2
;
0.5 ? mM ? 1 
# 
_pdbx_nmr_exptl_sample_conditions.conditions_id       1 
_pdbx_nmr_exptl_sample_conditions.ionic_strength      0.1 
_pdbx_nmr_exptl_sample_conditions.pH                  7 
_pdbx_nmr_exptl_sample_conditions.pressure            ambient 
_pdbx_nmr_exptl_sample_conditions.pressure_units      ? 
_pdbx_nmr_exptl_sample_conditions.temperature         283 
_pdbx_nmr_exptl_sample_conditions.temperature_units   K 
# 
loop_
_pdbx_nmr_exptl.conditions_id 
_pdbx_nmr_exptl.experiment_id 
_pdbx_nmr_exptl.solution_id 
_pdbx_nmr_exptl.type 
1 1 1 '2D 1H-1H COSY'  
1 2 1 '2D 1H-1H NOESY' 
# 
_pdbx_nmr_refine.entry_id           2MMR 
_pdbx_nmr_refine.method             'DGSA-distance geometry simulated annealing' 
_pdbx_nmr_refine.details            ? 
_pdbx_nmr_refine.software_ordinal   1 
# 
loop_
_pdbx_nmr_software.authors 
_pdbx_nmr_software.classification 
_pdbx_nmr_software.name 
_pdbx_nmr_software.version 
_pdbx_nmr_software.ordinal 
'Case, Darden, Cheatham, III, Simmerling, Wang, Duke, Luo, ... and Kollman' refinement                  Amber   12    1 
'Bruker Biospin'                                                            collection                  TopSpin 3     2 
'Bruker Biospin'                                                            processing                  TopSpin 3     3 
Goddard                                                                     'chemical shift assignment' Sparky  3.115 4 
Goddard                                                                     'peak picking'              Sparky  3.115 5 
# 
loop_
_chem_comp_atom.comp_id 
_chem_comp_atom.atom_id 
_chem_comp_atom.type_symbol 
_chem_comp_atom.pdbx_aromatic_flag 
_chem_comp_atom.pdbx_stereo_config 
_chem_comp_atom.pdbx_ordinal 
DA  OP3    O N N 1   
DA  P      P N N 2   
DA  OP1    O N N 3   
DA  OP2    O N N 4   
DA  "O5'"  O N N 5   
DA  "C5'"  C N N 6   
DA  "C4'"  C N R 7   
DA  "O4'"  O N N 8   
DA  "C3'"  C N S 9   
DA  "O3'"  O N N 10  
DA  "C2'"  C N N 11  
DA  "C1'"  C N R 12  
DA  N9     N Y N 13  
DA  C8     C Y N 14  
DA  N7     N Y N 15  
DA  C5     C Y N 16  
DA  C6     C Y N 17  
DA  N6     N N N 18  
DA  N1     N Y N 19  
DA  C2     C Y N 20  
DA  N3     N Y N 21  
DA  C4     C Y N 22  
DA  HOP3   H N N 23  
DA  HOP2   H N N 24  
DA  "H5'"  H N N 25  
DA  "H5''" H N N 26  
DA  "H4'"  H N N 27  
DA  "H3'"  H N N 28  
DA  "HO3'" H N N 29  
DA  "H2'"  H N N 30  
DA  "H2''" H N N 31  
DA  "H1'"  H N N 32  
DA  H8     H N N 33  
DA  H61    H N N 34  
DA  H62    H N N 35  
DA  H2     H N N 36  
DC  OP3    O N N 37  
DC  P      P N N 38  
DC  OP1    O N N 39  
DC  OP2    O N N 40  
DC  "O5'"  O N N 41  
DC  "C5'"  C N N 42  
DC  "C4'"  C N R 43  
DC  "O4'"  O N N 44  
DC  "C3'"  C N S 45  
DC  "O3'"  O N N 46  
DC  "C2'"  C N N 47  
DC  "C1'"  C N R 48  
DC  N1     N N N 49  
DC  C2     C N N 50  
DC  O2     O N N 51  
DC  N3     N N N 52  
DC  C4     C N N 53  
DC  N4     N N N 54  
DC  C5     C N N 55  
DC  C6     C N N 56  
DC  HOP3   H N N 57  
DC  HOP2   H N N 58  
DC  "H5'"  H N N 59  
DC  "H5''" H N N 60  
DC  "H4'"  H N N 61  
DC  "H3'"  H N N 62  
DC  "HO3'" H N N 63  
DC  "H2'"  H N N 64  
DC  "H2''" H N N 65  
DC  "H1'"  H N N 66  
DC  H41    H N N 67  
DC  H42    H N N 68  
DC  H5     H N N 69  
DC  H6     H N N 70  
DG  OP3    O N N 71  
DG  P      P N N 72  
DG  OP1    O N N 73  
DG  OP2    O N N 74  
DG  "O5'"  O N N 75  
DG  "C5'"  C N N 76  
DG  "C4'"  C N R 77  
DG  "O4'"  O N N 78  
DG  "C3'"  C N S 79  
DG  "O3'"  O N N 80  
DG  "C2'"  C N N 81  
DG  "C1'"  C N R 82  
DG  N9     N Y N 83  
DG  C8     C Y N 84  
DG  N7     N Y N 85  
DG  C5     C Y N 86  
DG  C6     C N N 87  
DG  O6     O N N 88  
DG  N1     N N N 89  
DG  C2     C N N 90  
DG  N2     N N N 91  
DG  N3     N N N 92  
DG  C4     C Y N 93  
DG  HOP3   H N N 94  
DG  HOP2   H N N 95  
DG  "H5'"  H N N 96  
DG  "H5''" H N N 97  
DG  "H4'"  H N N 98  
DG  "H3'"  H N N 99  
DG  "HO3'" H N N 100 
DG  "H2'"  H N N 101 
DG  "H2''" H N N 102 
DG  "H1'"  H N N 103 
DG  H8     H N N 104 
DG  H1     H N N 105 
DG  H21    H N N 106 
DG  H22    H N N 107 
DT  OP3    O N N 108 
DT  P      P N N 109 
DT  OP1    O N N 110 
DT  OP2    O N N 111 
DT  "O5'"  O N N 112 
DT  "C5'"  C N N 113 
DT  "C4'"  C N R 114 
DT  "O4'"  O N N 115 
DT  "C3'"  C N S 116 
DT  "O3'"  O N N 117 
DT  "C2'"  C N N 118 
DT  "C1'"  C N R 119 
DT  N1     N N N 120 
DT  C2     C N N 121 
DT  O2     O N N 122 
DT  N3     N N N 123 
DT  C4     C N N 124 
DT  O4     O N N 125 
DT  C5     C N N 126 
DT  C7     C N N 127 
DT  C6     C N N 128 
DT  HOP3   H N N 129 
DT  HOP2   H N N 130 
DT  "H5'"  H N N 131 
DT  "H5''" H N N 132 
DT  "H4'"  H N N 133 
DT  "H3'"  H N N 134 
DT  "HO3'" H N N 135 
DT  "H2'"  H N N 136 
DT  "H2''" H N N 137 
DT  "H1'"  H N N 138 
DT  H3     H N N 139 
DT  H71    H N N 140 
DT  H72    H N N 141 
DT  H73    H N N 142 
DT  H6     H N N 143 
FAG C3A    C N N 144 
FAG C3     C N N 145 
FAG C2A    C N N 146 
FAG C1     C N N 147 
FAG O1     O N N 148 
FAG P      P N N 149 
FAG O1P    O N N 150 
FAG O2P    O N N 151 
FAG "O5'"  O N N 152 
FAG "C5'"  C N N 153 
FAG "C4'"  C N R 154 
FAG "O4'"  O N N 155 
FAG "C1'"  C N R 156 
FAG N9     N N N 157 
FAG C4     C N N 158 
FAG N3     N N N 159 
FAG C2     C N N 160 
FAG N2     N N N 161 
FAG N1     N N N 162 
FAG C6     C N N 163 
FAG O6     O N N 164 
FAG C5     C N N 165 
FAG N7     N N N 166 
FAG C8     C N N 167 
FAG O8     O N N 168 
FAG "C2'"  C N N 169 
FAG "C3'"  C N S 170 
FAG "O3'"  O N N 171 
FAG C8A    C N R 172 
FAG C9     C N R 173 
FAG O9     O N N 174 
FAG C9A    C N R 175 
FAG C9B    C Y N 176 
FAG O7     O N N 177 
FAG C6A    C N S 178 
FAG O6A    O N N 179 
FAG C5M    C Y N 180 
FAG C5B    C Y N 181 
FAG C4B    C Y N 182 
FAG O4     O N N 183 
FAG CM     C N N 184 
FAG C4A    C Y N 185 
FAG CAA    C Y N 186 
FAG O10    O N N 187 
FAG C11    C N N 188 
FAG O11    O N N 189 
FAG CBA    C N N 190 
FAG H31    H N N 191 
FAG H32    H N N 192 
FAG H2A1   H N N 193 
FAG H2A2   H N N 194 
FAG HOP2   H N N 195 
FAG "H5'1" H N N 196 
FAG "H5'2" H N N 197 
FAG "H4'"  H N N 198 
FAG "H1'"  H N N 199 
FAG HN9    H N N 200 
FAG HN21   H N N 201 
FAG HN22   H N N 202 
FAG H1     H N N 203 
FAG H8     H N N 204 
FAG "H2'1" H N N 205 
FAG "H2'2" H N N 206 
FAG "H3'"  H N N 207 
FAG "HO3'" H N N 208 
FAG H8A    H N N 209 
FAG H9     H N N 210 
FAG HO9    H N N 211 
FAG H9A    H N N 212 
FAG H6A    H N N 213 
FAG H5B    H N N 214 
FAG HM1    H N N 215 
FAG HM2    H N N 216 
FAG HM3    H N N 217 
FAG O3P    O N N 218 
FAG HOP3   H N N 219 
# 
loop_
_chem_comp_bond.comp_id 
_chem_comp_bond.atom_id_1 
_chem_comp_bond.atom_id_2 
_chem_comp_bond.value_order 
_chem_comp_bond.pdbx_aromatic_flag 
_chem_comp_bond.pdbx_stereo_config 
_chem_comp_bond.pdbx_ordinal 
DA  OP3   P      sing N N 1   
DA  OP3   HOP3   sing N N 2   
DA  P     OP1    doub N N 3   
DA  P     OP2    sing N N 4   
DA  P     "O5'"  sing N N 5   
DA  OP2   HOP2   sing N N 6   
DA  "O5'" "C5'"  sing N N 7   
DA  "C5'" "C4'"  sing N N 8   
DA  "C5'" "H5'"  sing N N 9   
DA  "C5'" "H5''" sing N N 10  
DA  "C4'" "O4'"  sing N N 11  
DA  "C4'" "C3'"  sing N N 12  
DA  "C4'" "H4'"  sing N N 13  
DA  "O4'" "C1'"  sing N N 14  
DA  "C3'" "O3'"  sing N N 15  
DA  "C3'" "C2'"  sing N N 16  
DA  "C3'" "H3'"  sing N N 17  
DA  "O3'" "HO3'" sing N N 18  
DA  "C2'" "C1'"  sing N N 19  
DA  "C2'" "H2'"  sing N N 20  
DA  "C2'" "H2''" sing N N 21  
DA  "C1'" N9     sing N N 22  
DA  "C1'" "H1'"  sing N N 23  
DA  N9    C8     sing Y N 24  
DA  N9    C4     sing Y N 25  
DA  C8    N7     doub Y N 26  
DA  C8    H8     sing N N 27  
DA  N7    C5     sing Y N 28  
DA  C5    C6     sing Y N 29  
DA  C5    C4     doub Y N 30  
DA  C6    N6     sing N N 31  
DA  C6    N1     doub Y N 32  
DA  N6    H61    sing N N 33  
DA  N6    H62    sing N N 34  
DA  N1    C2     sing Y N 35  
DA  C2    N3     doub Y N 36  
DA  C2    H2     sing N N 37  
DA  N3    C4     sing Y N 38  
DC  OP3   P      sing N N 39  
DC  OP3   HOP3   sing N N 40  
DC  P     OP1    doub N N 41  
DC  P     OP2    sing N N 42  
DC  P     "O5'"  sing N N 43  
DC  OP2   HOP2   sing N N 44  
DC  "O5'" "C5'"  sing N N 45  
DC  "C5'" "C4'"  sing N N 46  
DC  "C5'" "H5'"  sing N N 47  
DC  "C5'" "H5''" sing N N 48  
DC  "C4'" "O4'"  sing N N 49  
DC  "C4'" "C3'"  sing N N 50  
DC  "C4'" "H4'"  sing N N 51  
DC  "O4'" "C1'"  sing N N 52  
DC  "C3'" "O3'"  sing N N 53  
DC  "C3'" "C2'"  sing N N 54  
DC  "C3'" "H3'"  sing N N 55  
DC  "O3'" "HO3'" sing N N 56  
DC  "C2'" "C1'"  sing N N 57  
DC  "C2'" "H2'"  sing N N 58  
DC  "C2'" "H2''" sing N N 59  
DC  "C1'" N1     sing N N 60  
DC  "C1'" "H1'"  sing N N 61  
DC  N1    C2     sing N N 62  
DC  N1    C6     sing N N 63  
DC  C2    O2     doub N N 64  
DC  C2    N3     sing N N 65  
DC  N3    C4     doub N N 66  
DC  C4    N4     sing N N 67  
DC  C4    C5     sing N N 68  
DC  N4    H41    sing N N 69  
DC  N4    H42    sing N N 70  
DC  C5    C6     doub N N 71  
DC  C5    H5     sing N N 72  
DC  C6    H6     sing N N 73  
DG  OP3   P      sing N N 74  
DG  OP3   HOP3   sing N N 75  
DG  P     OP1    doub N N 76  
DG  P     OP2    sing N N 77  
DG  P     "O5'"  sing N N 78  
DG  OP2   HOP2   sing N N 79  
DG  "O5'" "C5'"  sing N N 80  
DG  "C5'" "C4'"  sing N N 81  
DG  "C5'" "H5'"  sing N N 82  
DG  "C5'" "H5''" sing N N 83  
DG  "C4'" "O4'"  sing N N 84  
DG  "C4'" "C3'"  sing N N 85  
DG  "C4'" "H4'"  sing N N 86  
DG  "O4'" "C1'"  sing N N 87  
DG  "C3'" "O3'"  sing N N 88  
DG  "C3'" "C2'"  sing N N 89  
DG  "C3'" "H3'"  sing N N 90  
DG  "O3'" "HO3'" sing N N 91  
DG  "C2'" "C1'"  sing N N 92  
DG  "C2'" "H2'"  sing N N 93  
DG  "C2'" "H2''" sing N N 94  
DG  "C1'" N9     sing N N 95  
DG  "C1'" "H1'"  sing N N 96  
DG  N9    C8     sing Y N 97  
DG  N9    C4     sing Y N 98  
DG  C8    N7     doub Y N 99  
DG  C8    H8     sing N N 100 
DG  N7    C5     sing Y N 101 
DG  C5    C6     sing N N 102 
DG  C5    C4     doub Y N 103 
DG  C6    O6     doub N N 104 
DG  C6    N1     sing N N 105 
DG  N1    C2     sing N N 106 
DG  N1    H1     sing N N 107 
DG  C2    N2     sing N N 108 
DG  C2    N3     doub N N 109 
DG  N2    H21    sing N N 110 
DG  N2    H22    sing N N 111 
DG  N3    C4     sing N N 112 
DT  OP3   P      sing N N 113 
DT  OP3   HOP3   sing N N 114 
DT  P     OP1    doub N N 115 
DT  P     OP2    sing N N 116 
DT  P     "O5'"  sing N N 117 
DT  OP2   HOP2   sing N N 118 
DT  "O5'" "C5'"  sing N N 119 
DT  "C5'" "C4'"  sing N N 120 
DT  "C5'" "H5'"  sing N N 121 
DT  "C5'" "H5''" sing N N 122 
DT  "C4'" "O4'"  sing N N 123 
DT  "C4'" "C3'"  sing N N 124 
DT  "C4'" "H4'"  sing N N 125 
DT  "O4'" "C1'"  sing N N 126 
DT  "C3'" "O3'"  sing N N 127 
DT  "C3'" "C2'"  sing N N 128 
DT  "C3'" "H3'"  sing N N 129 
DT  "O3'" "HO3'" sing N N 130 
DT  "C2'" "C1'"  sing N N 131 
DT  "C2'" "H2'"  sing N N 132 
DT  "C2'" "H2''" sing N N 133 
DT  "C1'" N1     sing N N 134 
DT  "C1'" "H1'"  sing N N 135 
DT  N1    C2     sing N N 136 
DT  N1    C6     sing N N 137 
DT  C2    O2     doub N N 138 
DT  C2    N3     sing N N 139 
DT  N3    C4     sing N N 140 
DT  N3    H3     sing N N 141 
DT  C4    O4     doub N N 142 
DT  C4    C5     sing N N 143 
DT  C5    C7     sing N N 144 
DT  C5    C6     doub N N 145 
DT  C7    H71    sing N N 146 
DT  C7    H72    sing N N 147 
DT  C7    H73    sing N N 148 
DT  C6    H6     sing N N 149 
FAG C3A   C3     sing N N 150 
FAG C3A   C4A    sing N N 151 
FAG C3A   CBA    doub N N 152 
FAG C3    C2A    sing N N 153 
FAG C3    H31    sing N N 154 
FAG C3    H32    sing N N 155 
FAG C2A   C1     sing N N 156 
FAG C2A   H2A1   sing N N 157 
FAG C2A   H2A2   sing N N 158 
FAG C1    O1     doub N N 159 
FAG C1    CBA    sing N N 160 
FAG P     O1P    doub N N 161 
FAG P     O2P    sing N N 162 
FAG P     "O5'"  sing N N 163 
FAG O2P   HOP2   sing N N 164 
FAG "O5'" "C5'"  sing N N 165 
FAG "C5'" "C4'"  sing N N 166 
FAG "C5'" "H5'1" sing N N 167 
FAG "C5'" "H5'2" sing N N 168 
FAG "C4'" "O4'"  sing N N 169 
FAG "C4'" "C3'"  sing N N 170 
FAG "C4'" "H4'"  sing N N 171 
FAG "O4'" "C1'"  sing N N 172 
FAG "C1'" N9     sing N N 173 
FAG "C1'" "C2'"  sing N N 174 
FAG "C1'" "H1'"  sing N N 175 
FAG N9    C4     sing N N 176 
FAG N9    HN9    sing N N 177 
FAG C4    N3     sing N N 178 
FAG C4    C5     doub N N 179 
FAG N3    C2     doub N N 180 
FAG C2    N2     sing N N 181 
FAG C2    N1     sing N N 182 
FAG N2    HN21   sing N N 183 
FAG N2    HN22   sing N N 184 
FAG N1    C6     sing N N 185 
FAG N1    H1     sing N N 186 
FAG C6    O6     doub N N 187 
FAG C6    C5     sing N N 188 
FAG C5    N7     sing N N 189 
FAG N7    C8     sing N N 190 
FAG N7    C8A    sing N N 191 
FAG C8    O8     doub N N 192 
FAG C8    H8     sing N N 193 
FAG "C2'" "C3'"  sing N N 194 
FAG "C2'" "H2'1" sing N N 195 
FAG "C2'" "H2'2" sing N N 196 
FAG "C3'" "O3'"  sing N N 197 
FAG "C3'" "H3'"  sing N N 198 
FAG "O3'" "HO3'" sing N N 199 
FAG C8A   C9     sing N N 200 
FAG C8A   O7     sing N N 201 
FAG C8A   H8A    sing N N 202 
FAG C9    O9     sing N N 203 
FAG C9    C9A    sing N N 204 
FAG C9    H9     sing N N 205 
FAG O9    HO9    sing N N 206 
FAG C9A   C9B    sing N N 207 
FAG C9A   C6A    sing N N 208 
FAG C9A   H9A    sing N N 209 
FAG C9B   C5M    doub Y N 210 
FAG C9B   CAA    sing Y N 211 
FAG O7    C6A    sing N N 212 
FAG C6A   O6A    sing N N 213 
FAG C6A   H6A    sing N N 214 
FAG O6A   C5M    sing N N 215 
FAG C5M   C5B    sing Y N 216 
FAG C5B   C4B    doub Y N 217 
FAG C5B   H5B    sing N N 218 
FAG C4B   O4     sing N N 219 
FAG C4B   C4A    sing Y N 220 
FAG O4    CM     sing N N 221 
FAG CM    HM1    sing N N 222 
FAG CM    HM2    sing N N 223 
FAG CM    HM3    sing N N 224 
FAG C4A   CAA    doub Y N 225 
FAG CAA   O10    sing N N 226 
FAG O10   C11    sing N N 227 
FAG C11   O11    doub N N 228 
FAG C11   CBA    sing N N 229 
FAG P     O3P    sing N N 230 
FAG O3P   HOP3   sing N N 231 
# 
loop_
_ndb_struct_conf_na.entry_id 
_ndb_struct_conf_na.feature 
2MMR 'double helix'         
2MMR 'b-form double helix'  
2MMR 'mismatched base pair' 
# 
loop_
_ndb_struct_na_base_pair.model_number 
_ndb_struct_na_base_pair.i_label_asym_id 
_ndb_struct_na_base_pair.i_label_comp_id 
_ndb_struct_na_base_pair.i_label_seq_id 
_ndb_struct_na_base_pair.i_symmetry 
_ndb_struct_na_base_pair.j_label_asym_id 
_ndb_struct_na_base_pair.j_label_comp_id 
_ndb_struct_na_base_pair.j_label_seq_id 
_ndb_struct_na_base_pair.j_symmetry 
_ndb_struct_na_base_pair.shear 
_ndb_struct_na_base_pair.stretch 
_ndb_struct_na_base_pair.stagger 
_ndb_struct_na_base_pair.buckle 
_ndb_struct_na_base_pair.propeller 
_ndb_struct_na_base_pair.opening 
_ndb_struct_na_base_pair.pair_number 
_ndb_struct_na_base_pair.pair_name 
_ndb_struct_na_base_pair.i_auth_asym_id 
_ndb_struct_na_base_pair.i_auth_seq_id 
_ndb_struct_na_base_pair.i_PDB_ins_code 
_ndb_struct_na_base_pair.j_auth_asym_id 
_ndb_struct_na_base_pair.j_auth_seq_id 
_ndb_struct_na_base_pair.j_PDB_ins_code 
_ndb_struct_na_base_pair.hbond_type_28 
_ndb_struct_na_base_pair.hbond_type_12 
1 A DC 1  1_555 B DG 10 1_555 0.453  -0.165 0.545 -11.114 -14.192 -1.664 1 A_DC1:DG20_B  A 1  ? B 20 ? 19 1 
1 A DT 2  1_555 B DA 9  1_555 -0.080 0.016  0.295 -4.459  -9.317  -1.710 2 A_DT2:DA19_B  A 2  ? B 19 ? 20 1 
1 A DA 3  1_555 B DT 8  1_555 0.055  -0.017 0.717 17.102  -2.273  -0.221 3 A_DA3:DT18_B  A 3  ? B 18 ? 20 1 
1 A DA 4  1_555 B DT 7  1_555 0.369  0.074  0.361 13.939  -0.818  5.929  4 A_DA4:DT17_B  A 4  ? B 17 ? 20 1 
1 A DC 6  1_555 B DG 5  1_555 0.317  -0.170 0.565 -3.241  -5.315  -1.288 5 A_DC6:DG15_B  A 6  ? B 15 ? 19 1 
1 A DT 7  1_555 B DA 4  1_555 -0.212 -0.019 0.207 -5.161  -13.524 -1.971 6 A_DT7:DA14_B  A 7  ? B 14 ? 20 1 
1 A DT 8  1_555 B DA 3  1_555 -0.256 0.019  0.066 -7.606  -16.640 -2.004 7 A_DT8:DA13_B  A 8  ? B 13 ? 20 1 
1 A DC 9  1_555 B DG 2  1_555 0.211  -0.047 0.180 -15.036 2.468   -0.186 8 A_DC9:DG12_B  A 9  ? B 12 ? 19 1 
1 A DA 10 1_555 B DT 1  1_555 0.169  0.019  0.274 6.982   5.249   0.662  9 A_DA10:DT11_B A 10 ? B 11 ? 20 1 
# 
loop_
_ndb_struct_na_base_pair_step.model_number 
_ndb_struct_na_base_pair_step.i_label_asym_id_1 
_ndb_struct_na_base_pair_step.i_label_comp_id_1 
_ndb_struct_na_base_pair_step.i_label_seq_id_1 
_ndb_struct_na_base_pair_step.i_symmetry_1 
_ndb_struct_na_base_pair_step.j_label_asym_id_1 
_ndb_struct_na_base_pair_step.j_label_comp_id_1 
_ndb_struct_na_base_pair_step.j_label_seq_id_1 
_ndb_struct_na_base_pair_step.j_symmetry_1 
_ndb_struct_na_base_pair_step.i_label_asym_id_2 
_ndb_struct_na_base_pair_step.i_label_comp_id_2 
_ndb_struct_na_base_pair_step.i_label_seq_id_2 
_ndb_struct_na_base_pair_step.i_symmetry_2 
_ndb_struct_na_base_pair_step.j_label_asym_id_2 
_ndb_struct_na_base_pair_step.j_label_comp_id_2 
_ndb_struct_na_base_pair_step.j_label_seq_id_2 
_ndb_struct_na_base_pair_step.j_symmetry_2 
_ndb_struct_na_base_pair_step.shift 
_ndb_struct_na_base_pair_step.slide 
_ndb_struct_na_base_pair_step.rise 
_ndb_struct_na_base_pair_step.tilt 
_ndb_struct_na_base_pair_step.roll 
_ndb_struct_na_base_pair_step.twist 
_ndb_struct_na_base_pair_step.x_displacement 
_ndb_struct_na_base_pair_step.y_displacement 
_ndb_struct_na_base_pair_step.helical_rise 
_ndb_struct_na_base_pair_step.inclination 
_ndb_struct_na_base_pair_step.tip 
_ndb_struct_na_base_pair_step.helical_twist 
_ndb_struct_na_base_pair_step.step_number 
_ndb_struct_na_base_pair_step.step_name 
_ndb_struct_na_base_pair_step.i_auth_asym_id_1 
_ndb_struct_na_base_pair_step.i_auth_seq_id_1 
_ndb_struct_na_base_pair_step.i_PDB_ins_code_1 
_ndb_struct_na_base_pair_step.j_auth_asym_id_1 
_ndb_struct_na_base_pair_step.j_auth_seq_id_1 
_ndb_struct_na_base_pair_step.j_PDB_ins_code_1 
_ndb_struct_na_base_pair_step.i_auth_asym_id_2 
_ndb_struct_na_base_pair_step.i_auth_seq_id_2 
_ndb_struct_na_base_pair_step.i_PDB_ins_code_2 
_ndb_struct_na_base_pair_step.j_auth_asym_id_2 
_ndb_struct_na_base_pair_step.j_auth_seq_id_2 
_ndb_struct_na_base_pair_step.j_PDB_ins_code_2 
1 A DC 1 1_555 B DG 10 1_555 A DT 2  1_555 B DA 9 1_555 -0.206 -0.867 3.118 3.727  1.544   26.389 -2.257 1.360  3.006 3.358   
-8.103 26.690 1 AA_DC1DT2:DA19DG20_BB  A 1 ? B 20 ? A 2  ? B 19 ? 
1 A DT 2 1_555 B DA 9  1_555 A DA 3  1_555 B DT 8 1_555 0.527  1.141  2.909 -2.386 -11.207 46.321 2.174  -0.815 2.554 -13.996 
2.980  47.641 2 AA_DT2DA3:DT18DA19_BB  A 2 ? B 19 ? A 3  ? B 18 ? 
1 A DA 3 1_555 B DT 8  1_555 A DA 4  1_555 B DT 7 1_555 0.664  -1.199 3.725 2.117  -2.052  29.347 -1.848 -0.782 3.836 -4.037  
-4.165 29.492 3 AA_DA3DA4:DT17DT18_BB  A 3 ? B 18 ? A 4  ? B 17 ? 
1 A DC 6 1_555 B DG 5  1_555 A DT 7  1_555 B DA 4 1_555 -0.236 -0.771 3.223 2.449  0.188   36.770 -1.244 0.699  3.197 0.297   
-3.877 36.849 4 AA_DC6DT7:DA14DG15_BB  A 6 ? B 15 ? A 7  ? B 14 ? 
1 A DT 7 1_555 B DA 4  1_555 A DT 8  1_555 B DA 3 1_555 -0.051 -0.682 3.328 1.791  -3.355  34.386 -0.615 0.369  3.370 -5.654  
-3.018 34.590 5 AA_DT7DT8:DA13DA14_BB  A 7 ? B 14 ? A 8  ? B 13 ? 
1 A DT 8 1_555 B DA 3  1_555 A DC 9  1_555 B DG 2 1_555 0.555  0.222  3.539 -0.905 3.343   45.172 -0.034 -0.807 3.535 4.345   
1.177  45.297 6 AA_DT8DC9:DG12DA13_BB  A 8 ? B 13 ? A 9  ? B 12 ? 
1 A DC 9 1_555 B DG 2  1_555 A DA 10 1_555 B DT 1 1_555 -0.324 -0.642 2.823 -1.279 -0.342  23.258 -1.489 0.421  2.846 -0.847  
3.169  23.295 7 AA_DC9DA10:DT11DG12_BB A 9 ? B 12 ? A 10 ? B 11 ? 
# 
loop_
_pdbx_nmr_spectrometer.field_strength 
_pdbx_nmr_spectrometer.manufacturer 
_pdbx_nmr_spectrometer.model 
_pdbx_nmr_spectrometer.spectrometer_id 
_pdbx_nmr_spectrometer.type 
800 Bruker AVANCE 1 'Bruker Avance' 
900 Bruker AVANCE 2 'Bruker Avance' 
# 
_atom_sites.entry_id                    2MMR 
_atom_sites.fract_transf_matrix[1][1]   1.000000 
_atom_sites.fract_transf_matrix[1][2]   0.000000 
_atom_sites.fract_transf_matrix[1][3]   0.000000 
_atom_sites.fract_transf_matrix[2][1]   0.000000 
_atom_sites.fract_transf_matrix[2][2]   1.000000 
_atom_sites.fract_transf_matrix[2][3]   0.000000 
_atom_sites.fract_transf_matrix[3][1]   0.000000 
_atom_sites.fract_transf_matrix[3][2]   0.000000 
_atom_sites.fract_transf_matrix[3][3]   1.000000 
_atom_sites.fract_transf_vector[1]      0.00000 
_atom_sites.fract_transf_vector[2]      0.00000 
_atom_sites.fract_transf_vector[3]      0.00000 
# 
loop_
_atom_type.symbol 
C 
H 
N 
O 
P 
# 
loop_
_atom_site.group_PDB 
_atom_site.id 
_atom_site.type_symbol 
_atom_site.label_atom_id 
_atom_site.label_alt_id 
_atom_site.label_comp_id 
_atom_site.label_asym_id 
_atom_site.label_entity_id 
_atom_site.label_seq_id 
_atom_site.pdbx_PDB_ins_code 
_atom_site.Cartn_x 
_atom_site.Cartn_y 
_atom_site.Cartn_z 
_atom_site.occupancy 
_atom_site.B_iso_or_equiv 
_atom_site.pdbx_formal_charge 
_atom_site.auth_seq_id 
_atom_site.auth_comp_id 
_atom_site.auth_asym_id 
_atom_site.auth_atom_id 
_atom_site.pdbx_PDB_model_num 
ATOM   1   O "O5'"  . DC  A 1 1  ? 3.866   9.536   19.444  1.00 0.00 ? 1  DC  A "O5'"  1 
ATOM   2   C "C5'"  . DC  A 1 1  ? 3.221   9.100   20.665  1.00 0.00 ? 1  DC  A "C5'"  1 
ATOM   3   C "C4'"  . DC  A 1 1  ? 2.221   7.943   20.494  1.00 0.00 ? 1  DC  A "C4'"  1 
ATOM   4   O "O4'"  . DC  A 1 1  ? 1.091   8.393   19.729  1.00 0.00 ? 1  DC  A "O4'"  1 
ATOM   5   C "C3'"  . DC  A 1 1  ? 2.783   6.719   19.759  1.00 0.00 ? 1  DC  A "C3'"  1 
ATOM   6   O "O3'"  . DC  A 1 1  ? 2.269   5.551   20.356  1.00 0.00 ? 1  DC  A "O3'"  1 
ATOM   7   C "C2'"  . DC  A 1 1  ? 2.326   6.946   18.322  1.00 0.00 ? 1  DC  A "C2'"  1 
ATOM   8   C "C1'"  . DC  A 1 1  ? 0.945   7.594   18.563  1.00 0.00 ? 1  DC  A "C1'"  1 
ATOM   9   N N1     . DC  A 1 1  ? 0.455   8.436   17.421  1.00 0.00 ? 1  DC  A N1     1 
ATOM   10  C C2     . DC  A 1 1  ? -0.768  8.112   16.795  1.00 0.00 ? 1  DC  A C2     1 
ATOM   11  O O2     . DC  A 1 1  ? -1.480  7.159   17.133  1.00 0.00 ? 1  DC  A O2     1 
ATOM   12  N N3     . DC  A 1 1  ? -1.276  8.877   15.804  1.00 0.00 ? 1  DC  A N3     1 
ATOM   13  C C4     . DC  A 1 1  ? -0.603  9.922   15.402  1.00 0.00 ? 1  DC  A C4     1 
ATOM   14  N N4     . DC  A 1 1  ? -1.188  10.665  14.499  1.00 0.00 ? 1  DC  A N4     1 
ATOM   15  C C5     . DC  A 1 1  ? 0.659   10.273  15.943  1.00 0.00 ? 1  DC  A C5     1 
ATOM   16  C C6     . DC  A 1 1  ? 1.171   9.517   16.930  1.00 0.00 ? 1  DC  A C6     1 
ATOM   17  H "H5'"  . DC  A 1 1  ? 2.691   9.924   21.140  1.00 0.00 ? 1  DC  A "H5'"  1 
ATOM   18  H "H5''" . DC  A 1 1  ? 3.965   8.774   21.392  1.00 0.00 ? 1  DC  A "H5''" 1 
ATOM   19  H "H4'"  . DC  A 1 1  ? 1.883   7.631   21.482  1.00 0.00 ? 1  DC  A "H4'"  1 
ATOM   20  H "H3'"  . DC  A 1 1  ? 3.873   6.725   19.792  1.00 0.00 ? 1  DC  A "H3'"  1 
ATOM   21  H "H2'"  . DC  A 1 1  ? 2.997   7.655   17.838  1.00 0.00 ? 1  DC  A "H2'"  1 
ATOM   22  H "H2''" . DC  A 1 1  ? 2.246   6.033   17.733  1.00 0.00 ? 1  DC  A "H2''" 1 
ATOM   23  H "H1'"  . DC  A 1 1  ? 0.243   6.798   18.811  1.00 0.00 ? 1  DC  A "H1'"  1 
ATOM   24  H H41    . DC  A 1 1  ? -0.764  11.513  14.151  1.00 0.00 ? 1  DC  A H41    1 
ATOM   25  H H42    . DC  A 1 1  ? -2.128  10.415  14.225  1.00 0.00 ? 1  DC  A H42    1 
ATOM   26  H H5     . DC  A 1 1  ? 1.253   11.091  15.560  1.00 0.00 ? 1  DC  A H5     1 
ATOM   27  H H6     . DC  A 1 1  ? 2.142   9.743   17.344  1.00 0.00 ? 1  DC  A H6     1 
ATOM   28  H "HO5'" . DC  A 1 1  ? 4.382   10.330  19.606  1.00 0.00 ? 1  DC  A "HO5'" 1 
ATOM   29  P P      . DT  A 1 2  ? 2.716   4.065   19.921  1.00 0.00 ? 2  DT  A P      1 
ATOM   30  O OP1    . DT  A 1 2  ? 2.509   3.198   21.092  1.00 0.00 ? 2  DT  A OP1    1 
ATOM   31  O OP2    . DT  A 1 2  ? 4.082   4.119   19.325  1.00 0.00 ? 2  DT  A OP2    1 
ATOM   32  O "O5'"  . DT  A 1 2  ? 1.671   3.620   18.781  1.00 0.00 ? 2  DT  A "O5'"  1 
ATOM   33  C "C5'"  . DT  A 1 2  ? 0.301   3.402   19.113  1.00 0.00 ? 2  DT  A "C5'"  1 
ATOM   34  C "C4'"  . DT  A 1 2  ? -0.528  2.934   17.913  1.00 0.00 ? 2  DT  A "C4'"  1 
ATOM   35  O "O4'"  . DT  A 1 2  ? -0.768  4.019   17.017  1.00 0.00 ? 2  DT  A "O4'"  1 
ATOM   36  C "C3'"  . DT  A 1 2  ? 0.142   1.812   17.095  1.00 0.00 ? 2  DT  A "C3'"  1 
ATOM   37  O "O3'"  . DT  A 1 2  ? -0.763  0.808   16.659  1.00 0.00 ? 2  DT  A "O3'"  1 
ATOM   38  C "C2'"  . DT  A 1 2  ? 0.612   2.547   15.844  1.00 0.00 ? 2  DT  A "C2'"  1 
ATOM   39  C "C1'"  . DT  A 1 2  ? -0.571  3.523   15.711  1.00 0.00 ? 2  DT  A "C1'"  1 
ATOM   40  N N1     . DT  A 1 2  ? -0.443  4.650   14.755  1.00 0.00 ? 2  DT  A N1     1 
ATOM   41  C C2     . DT  A 1 2  ? -1.557  4.986   13.977  1.00 0.00 ? 2  DT  A C2     1 
ATOM   42  O O2     . DT  A 1 2  ? -2.562  4.279   13.865  1.00 0.00 ? 2  DT  A O2     1 
ATOM   43  N N3     . DT  A 1 2  ? -1.450  6.155   13.246  1.00 0.00 ? 2  DT  A N3     1 
ATOM   44  C C4     . DT  A 1 2  ? -0.349  6.980   13.172  1.00 0.00 ? 2  DT  A C4     1 
ATOM   45  O O4     . DT  A 1 2  ? -0.389  7.955   12.428  1.00 0.00 ? 2  DT  A O4     1 
ATOM   46  C C5     . DT  A 1 2  ? 0.782   6.571   14.006  1.00 0.00 ? 2  DT  A C5     1 
ATOM   47  C C7     . DT  A 1 2  ? 2.057   7.393   14.050  1.00 0.00 ? 2  DT  A C7     1 
ATOM   48  C C6     . DT  A 1 2  ? 0.687   5.447   14.767  1.00 0.00 ? 2  DT  A C6     1 
ATOM   49  H "H5'"  . DT  A 1 2  ? -0.143  4.309   19.523  1.00 0.00 ? 2  DT  A "H5'"  1 
ATOM   50  H "H5''" . DT  A 1 2  ? 0.230   2.652   19.900  1.00 0.00 ? 2  DT  A "H5''" 1 
ATOM   51  H "H4'"  . DT  A 1 2  ? -1.485  2.606   18.318  1.00 0.00 ? 2  DT  A "H4'"  1 
ATOM   52  H "H3'"  . DT  A 1 2  ? 0.957   1.326   17.634  1.00 0.00 ? 2  DT  A "H3'"  1 
ATOM   53  H "H2'"  . DT  A 1 2  ? 1.535   3.089   16.053  1.00 0.00 ? 2  DT  A "H2'"  1 
ATOM   54  H "H2''" . DT  A 1 2  ? 0.696   1.901   14.971  1.00 0.00 ? 2  DT  A "H2''" 1 
ATOM   55  H "H1'"  . DT  A 1 2  ? -1.424  2.910   15.419  1.00 0.00 ? 2  DT  A "H1'"  1 
ATOM   56  H H3     . DT  A 1 2  ? -2.224  6.409   12.648  1.00 0.00 ? 2  DT  A H3     1 
ATOM   57  H H71    . DT  A 1 2  ? 1.815   8.423   14.307  1.00 0.00 ? 2  DT  A H71    1 
ATOM   58  H H72    . DT  A 1 2  ? 2.520   7.377   13.063  1.00 0.00 ? 2  DT  A H72    1 
ATOM   59  H H73    . DT  A 1 2  ? 2.775   6.968   14.752  1.00 0.00 ? 2  DT  A H73    1 
ATOM   60  H H6     . DT  A 1 2  ? 1.509   5.165   15.409  1.00 0.00 ? 2  DT  A H6     1 
ATOM   61  P P      . DA  A 1 3  ? -1.354  -0.330  17.634  1.00 0.00 ? 3  DA  A P      1 
ATOM   62  O OP1    . DA  A 1 3  ? -1.806  0.243   18.934  1.00 0.00 ? 3  DA  A OP1    1 
ATOM   63  O OP2    . DA  A 1 3  ? -0.399  -1.458  17.654  1.00 0.00 ? 3  DA  A OP2    1 
ATOM   64  O "O5'"  . DA  A 1 3  ? -2.660  -0.746  16.788  1.00 0.00 ? 3  DA  A "O5'"  1 
ATOM   65  C "C5'"  . DA  A 1 3  ? -2.547  -1.493  15.582  1.00 0.00 ? 3  DA  A "C5'"  1 
ATOM   66  C "C4'"  . DA  A 1 3  ? -3.695  -1.137  14.619  1.00 0.00 ? 3  DA  A "C4'"  1 
ATOM   67  O "O4'"  . DA  A 1 3  ? -3.411  0.140   14.005  1.00 0.00 ? 3  DA  A "O4'"  1 
ATOM   68  C "C3'"  . DA  A 1 3  ? -3.783  -2.152  13.462  1.00 0.00 ? 3  DA  A "C3'"  1 
ATOM   69  O "O3'"  . DA  A 1 3  ? -5.131  -2.180  12.999  1.00 0.00 ? 3  DA  A "O3'"  1 
ATOM   70  C "C2'"  . DA  A 1 3  ? -2.804  -1.527  12.454  1.00 0.00 ? 3  DA  A "C2'"  1 
ATOM   71  C "C1'"  . DA  A 1 3  ? -3.106  -0.039  12.641  1.00 0.00 ? 3  DA  A "C1'"  1 
ATOM   72  N N9     . DA  A 1 3  ? -1.980  0.862   12.242  1.00 0.00 ? 3  DA  A N9     1 
ATOM   73  C C8     . DA  A 1 3  ? -0.648  0.752   12.534  1.00 0.00 ? 3  DA  A C8     1 
ATOM   74  N N7     . DA  A 1 3  ? 0.076   1.766   12.123  1.00 0.00 ? 3  DA  A N7     1 
ATOM   75  C C5     . DA  A 1 3  ? -0.843  2.583   11.460  1.00 0.00 ? 3  DA  A C5     1 
ATOM   76  C C6     . DA  A 1 3  ? -0.791  3.805   10.773  1.00 0.00 ? 3  DA  A C6     1 
ATOM   77  N N6     . DA  A 1 3  ? 0.313   4.511   10.589  1.00 0.00 ? 3  DA  A N6     1 
ATOM   78  N N1     . DA  A 1 3  ? -1.875  4.345   10.213  1.00 0.00 ? 3  DA  A N1     1 
ATOM   79  C C2     . DA  A 1 3  ? -3.024  3.688   10.323  1.00 0.00 ? 3  DA  A C2     1 
ATOM   80  N N3     . DA  A 1 3  ? -3.248  2.526   10.962  1.00 0.00 ? 3  DA  A N3     1 
ATOM   81  C C4     . DA  A 1 3  ? -2.098  2.019   11.494  1.00 0.00 ? 3  DA  A C4     1 
ATOM   82  H "H5'"  . DA  A 1 3  ? -2.600  -2.553  15.832  1.00 0.00 ? 3  DA  A "H5'"  1 
ATOM   83  H "H5''" . DA  A 1 3  ? -1.614  -1.251  15.074  1.00 0.00 ? 3  DA  A "H5''" 1 
ATOM   84  H "H4'"  . DA  A 1 3  ? -4.638  -1.143  15.164  1.00 0.00 ? 3  DA  A "H4'"  1 
ATOM   85  H "H3'"  . DA  A 1 3  ? -3.454  -3.140  13.784  1.00 0.00 ? 3  DA  A "H3'"  1 
ATOM   86  H "H2'"  . DA  A 1 3  ? -1.787  -1.759  12.769  1.00 0.00 ? 3  DA  A "H2'"  1 
ATOM   87  H "H2''" . DA  A 1 3  ? -2.979  -1.830  11.422  1.00 0.00 ? 3  DA  A "H2''" 1 
ATOM   88  H "H1'"  . DA  A 1 3  ? -4.007  0.188   12.072  1.00 0.00 ? 3  DA  A "H1'"  1 
ATOM   89  H H8     . DA  A 1 3  ? -0.225  -0.061  13.107  1.00 0.00 ? 3  DA  A H8     1 
ATOM   90  H H61    . DA  A 1 3  ? 0.258   5.375   10.068  1.00 0.00 ? 3  DA  A H61    1 
ATOM   91  H H62    . DA  A 1 3  ? 1.192   4.158   10.940  1.00 0.00 ? 3  DA  A H62    1 
ATOM   92  H H2     . DA  A 1 3  ? -3.903  4.159   9.905   1.00 0.00 ? 3  DA  A H2     1 
ATOM   93  P P      . DA  A 1 4  ? -5.626  -3.140  11.805  1.00 0.00 ? 4  DA  A P      1 
ATOM   94  O OP1    . DA  A 1 4  ? -7.094  -3.338  12.005  1.00 0.00 ? 4  DA  A OP1    1 
ATOM   95  O OP2    . DA  A 1 4  ? -4.732  -4.335  11.775  1.00 0.00 ? 4  DA  A OP2    1 
ATOM   96  O "O5'"  . DA  A 1 4  ? -5.411  -2.289  10.434  1.00 0.00 ? 4  DA  A "O5'"  1 
ATOM   97  C "C5'"  . DA  A 1 4  ? -6.342  -1.276  10.038  1.00 0.00 ? 4  DA  A "C5'"  1 
ATOM   98  C "C4'"  . DA  A 1 4  ? -6.107  -0.785  8.591   1.00 0.00 ? 4  DA  A "C4'"  1 
ATOM   99  O "O4'"  . DA  A 1 4  ? -4.985  0.098   8.529   1.00 0.00 ? 4  DA  A "O4'"  1 
ATOM   100 C "C3'"  . DA  A 1 4  ? -5.825  -1.937  7.603   1.00 0.00 ? 4  DA  A "C3'"  1 
ATOM   101 O "O3'"  . DA  A 1 4  ? -6.365  -1.711  6.294   1.00 0.00 ? 4  DA  A "O3'"  1 
ATOM   102 C "C2'"  . DA  A 1 4  ? -4.307  -1.880  7.501   1.00 0.00 ? 4  DA  A "C2'"  1 
ATOM   103 C "C1'"  . DA  A 1 4  ? -4.057  -0.386  7.555   1.00 0.00 ? 4  DA  A "C1'"  1 
ATOM   104 N N9     . DA  A 1 4  ? -2.715  0.095   7.897   1.00 0.00 ? 4  DA  A N9     1 
ATOM   105 C C8     . DA  A 1 4  ? -1.719  -0.553  8.580   1.00 0.00 ? 4  DA  A C8     1 
ATOM   106 N N7     . DA  A 1 4  ? -0.565  0.047   8.553   1.00 0.00 ? 4  DA  A N7     1 
ATOM   107 C C5     . DA  A 1 4  ? -0.845  1.227   7.840   1.00 0.00 ? 4  DA  A C5     1 
ATOM   108 C C6     . DA  A 1 4  ? -0.097  2.347   7.404   1.00 0.00 ? 4  DA  A C6     1 
ATOM   109 N N6     . DA  A 1 4  ? 1.178   2.518   7.645   1.00 0.00 ? 4  DA  A N6     1 
ATOM   110 N N1     . DA  A 1 4  ? -0.630  3.320   6.668   1.00 0.00 ? 4  DA  A N1     1 
ATOM   111 C C2     . DA  A 1 4  ? -1.918  3.233   6.364   1.00 0.00 ? 4  DA  A C2     1 
ATOM   112 N N3     . DA  A 1 4  ? -2.758  2.262   6.703   1.00 0.00 ? 4  DA  A N3     1 
ATOM   113 C C4     . DA  A 1 4  ? -2.152  1.268   7.431   1.00 0.00 ? 4  DA  A C4     1 
ATOM   114 H "H5'"  . DA  A 1 4  ? -6.299  -0.421  10.713  1.00 0.00 ? 4  DA  A "H5'"  1 
ATOM   115 H "H5''" . DA  A 1 4  ? -7.340  -1.712  10.073  1.00 0.00 ? 4  DA  A "H5''" 1 
ATOM   116 H "H4'"  . DA  A 1 4  ? -6.994  -0.240  8.270   1.00 0.00 ? 4  DA  A "H4'"  1 
ATOM   117 H "H3'"  . DA  A 1 4  ? -6.127  -2.903  8.008   1.00 0.00 ? 4  DA  A "H3'"  1 
ATOM   118 H "H2'"  . DA  A 1 4  ? -3.838  -2.385  8.346   1.00 0.00 ? 4  DA  A "H2'"  1 
ATOM   119 H "H2''" . DA  A 1 4  ? -3.985  -2.330  6.563   1.00 0.00 ? 4  DA  A "H2''" 1 
ATOM   120 H "H1'"  . DA  A 1 4  ? -4.290  -0.038  6.549   1.00 0.00 ? 4  DA  A "H1'"  1 
ATOM   121 H H8     . DA  A 1 4  ? -1.903  -1.512  9.042   1.00 0.00 ? 4  DA  A H8     1 
ATOM   122 H H61    . DA  A 1 4  ? 1.677   3.299   7.244   1.00 0.00 ? 4  DA  A H61    1 
ATOM   123 H H62    . DA  A 1 4  ? 1.667   1.816   8.183   1.00 0.00 ? 4  DA  A H62    1 
ATOM   124 H H2     . DA  A 1 4  ? -2.317  4.037   5.764   1.00 0.00 ? 4  DA  A H2     1 
HETATM 125 C C3A    . FAG A 1 5  ? 1.700   2.380   2.984   1.00 0.00 ? 5  FAG A C3A    1 
HETATM 126 C C3     . FAG A 1 5  ? 1.820   3.632   2.272   1.00 0.00 ? 5  FAG A C3     1 
HETATM 127 C C2A    . FAG A 1 5  ? 3.259   3.947   1.913   1.00 0.00 ? 5  FAG A C2A    1 
HETATM 128 C C1     . FAG A 1 5  ? 4.003   2.786   2.530   1.00 0.00 ? 5  FAG A C1     1 
HETATM 129 O O1     . FAG A 1 5  ? 5.232   2.687   2.449   1.00 0.00 ? 5  FAG A O1     1 
HETATM 130 P P      . FAG A 1 5  ? -7.922  -1.958  5.950   1.00 0.00 ? 5  FAG A P      1 
HETATM 131 O O1P    . FAG A 1 5  ? -8.705  -0.770  6.416   1.00 0.00 ? 5  FAG A O1P    1 
HETATM 132 O O2P    . FAG A 1 5  ? -8.300  -3.311  6.410   1.00 0.00 ? 5  FAG A O2P    1 
HETATM 133 O "O5'"  . FAG A 1 5  ? -7.899  -1.919  4.342   1.00 0.00 ? 5  FAG A "O5'"  1 
HETATM 134 C "C5'"  . FAG A 1 5  ? -7.334  -3.001  3.597   1.00 0.00 ? 5  FAG A "C5'"  1 
HETATM 135 C "C4'"  . FAG A 1 5  ? -6.996  -2.587  2.167   1.00 0.00 ? 5  FAG A "C4'"  1 
HETATM 136 O "O4'"  . FAG A 1 5  ? -5.767  -1.837  2.202   1.00 0.00 ? 5  FAG A "O4'"  1 
HETATM 137 C "C1'"  . FAG A 1 5  ? -4.715  -2.585  1.588   1.00 0.00 ? 5  FAG A "C1'"  1 
HETATM 138 N N9     . FAG A 1 5  ? -3.290  -2.621  1.938   1.00 0.00 ? 5  FAG A N9     1 
HETATM 139 C C4     . FAG A 1 5  ? -2.241  -1.906  1.538   1.00 0.00 ? 5  FAG A C4     1 
HETATM 140 N N3     . FAG A 1 5  ? -2.529  -0.812  0.834   1.00 0.00 ? 5  FAG A N3     1 
HETATM 141 C C2     . FAG A 1 5  ? -1.478  -0.140  0.413   1.00 0.00 ? 5  FAG A C2     1 
HETATM 142 N N2     . FAG A 1 5  ? -1.654  0.954   -0.245  1.00 0.00 ? 5  FAG A N2     1 
HETATM 143 N N1     . FAG A 1 5  ? -0.206  -0.472  0.635   1.00 0.00 ? 5  FAG A N1     1 
HETATM 144 C C6     . FAG A 1 5  ? 0.127   -1.583  1.332   1.00 0.00 ? 5  FAG A C6     1 
HETATM 145 O O6     . FAG A 1 5  ? 1.317   -1.794  1.514   1.00 0.00 ? 5  FAG A O6     1 
HETATM 146 C C5     . FAG A 1 5  ? -0.990  -2.358  1.833   1.00 0.00 ? 5  FAG A C5     1 
HETATM 147 N N7     . FAG A 1 5  ? -0.640  -3.478  2.537   1.00 0.00 ? 5  FAG A N7     1 
HETATM 148 C C8     . FAG A 1 5  ? -0.652  -4.554  1.652   1.00 0.00 ? 5  FAG A C8     1 
HETATM 149 O O8     . FAG A 1 5  ? 0.192   -4.682  0.767   1.00 0.00 ? 5  FAG A O8     1 
HETATM 150 C "C2'"  . FAG A 1 5  ? -5.234  -4.029  1.509   1.00 0.00 ? 5  FAG A "C2'"  1 
HETATM 151 C "C3'"  . FAG A 1 5  ? -6.722  -3.824  1.272   1.00 0.00 ? 5  FAG A "C3'"  1 
HETATM 152 O "O3'"  . FAG A 1 5  ? -6.894  -3.586  -0.137  1.00 0.00 ? 5  FAG A "O3'"  1 
HETATM 153 C C8A    . FAG A 1 5  ? -0.682  -3.672  3.982   1.00 0.00 ? 5  FAG A C8A    1 
HETATM 154 C C9     . FAG A 1 5  ? 0.576   -3.045  4.638   1.00 0.00 ? 5  FAG A C9     1 
HETATM 155 O O9     . FAG A 1 5  ? 1.156   -3.897  5.626   1.00 0.00 ? 5  FAG A O9     1 
HETATM 156 C C9A    . FAG A 1 5  ? 0.106   -1.791  5.326   1.00 0.00 ? 5  FAG A C9A    1 
HETATM 157 C C9B    . FAG A 1 5  ? 0.128   -0.509  4.621   1.00 0.00 ? 5  FAG A C9B    1 
HETATM 158 O O7     . FAG A 1 5  ? -1.711  -3.328  4.893   1.00 0.00 ? 5  FAG A O7     1 
HETATM 159 C C6A    . FAG A 1 5  ? -1.356  -2.127  5.553   1.00 0.00 ? 5  FAG A C6A    1 
HETATM 160 O O6A    . FAG A 1 5  ? -2.086  -1.156  4.825   1.00 0.00 ? 5  FAG A O6A    1 
HETATM 161 C C5M    . FAG A 1 5  ? -1.205  -0.237  4.426   1.00 0.00 ? 5  FAG A C5M    1 
HETATM 162 C C5B    . FAG A 1 5  ? -1.595  0.927   3.795   1.00 0.00 ? 5  FAG A C5B    1 
HETATM 163 C C4B    . FAG A 1 5  ? -0.668  1.850   3.324   1.00 0.00 ? 5  FAG A C4B    1 
HETATM 164 O O4     . FAG A 1 5  ? -1.023  2.958   2.648   1.00 0.00 ? 5  FAG A O4     1 
HETATM 165 C CM     . FAG A 1 5  ? -2.338  3.398   2.360   1.00 0.00 ? 5  FAG A CM     1 
HETATM 166 C C4A    . FAG A 1 5  ? 0.676   1.570   3.492   1.00 0.00 ? 5  FAG A C4A    1 
HETATM 167 C CAA    . FAG A 1 5  ? 1.066   0.400   4.134   1.00 0.00 ? 5  FAG A CAA    1 
HETATM 168 O O10    . FAG A 1 5  ? 2.335   0.084   4.293   1.00 0.00 ? 5  FAG A O10    1 
HETATM 169 C C11    . FAG A 1 5  ? 3.333   0.770   3.776   1.00 0.00 ? 5  FAG A C11    1 
HETATM 170 O O11    . FAG A 1 5  ? 4.480   0.366   3.911   1.00 0.00 ? 5  FAG A O11    1 
HETATM 171 C CBA    . FAG A 1 5  ? 3.005   1.965   3.094   1.00 0.00 ? 5  FAG A CBA    1 
HETATM 172 H H31    . FAG A 1 5  ? 1.407   4.409   2.917   1.00 0.00 ? 5  FAG A H31    1 
HETATM 173 H H32    . FAG A 1 5  ? 1.223   3.598   1.361   1.00 0.00 ? 5  FAG A H32    1 
HETATM 174 H H2A1   . FAG A 1 5  ? 3.575   4.890   2.361   1.00 0.00 ? 5  FAG A H2A1   1 
HETATM 175 H H2A2   . FAG A 1 5  ? 3.408   3.976   0.834   1.00 0.00 ? 5  FAG A H2A2   1 
HETATM 176 H "H5'1" . FAG A 1 5  ? -8.048  -3.825  3.599   1.00 0.00 ? 5  FAG A "H5'1" 1 
HETATM 177 H "H5'2" . FAG A 1 5  ? -6.416  -3.376  4.051   1.00 0.00 ? 5  FAG A "H5'2" 1 
HETATM 178 H "H4'"  . FAG A 1 5  ? -7.827  -1.993  1.784   1.00 0.00 ? 5  FAG A "H4'"  1 
HETATM 179 H "H1'"  . FAG A 1 5  ? -4.689  -2.250  0.551   1.00 0.00 ? 5  FAG A "H1'"  1 
HETATM 180 H HN9    . FAG A 1 5  ? -3.029  -3.361  2.574   1.00 0.00 ? 5  FAG A HN9    1 
HETATM 181 H HN21   . FAG A 1 5  ? -2.579  1.284   -0.484  1.00 0.00 ? 5  FAG A HN21   1 
HETATM 182 H HN22   . FAG A 1 5  ? -0.839  1.473   -0.535  1.00 0.00 ? 5  FAG A HN22   1 
HETATM 183 H H1     . FAG A 1 5  ? 0.531   0.125   0.289   1.00 0.00 ? 5  FAG A H1     1 
HETATM 184 H H8     . FAG A 1 5  ? -1.401  -5.313  1.821   1.00 0.00 ? 5  FAG A H8     1 
HETATM 185 H "H2'1" . FAG A 1 5  ? -5.026  -4.559  2.439   1.00 0.00 ? 5  FAG A "H2'1" 1 
HETATM 186 H "H2'2" . FAG A 1 5  ? -4.787  -4.594  0.691   1.00 0.00 ? 5  FAG A "H2'2" 1 
HETATM 187 H "H3'"  . FAG A 1 5  ? -7.300  -4.691  1.590   1.00 0.00 ? 5  FAG A "H3'"  1 
HETATM 188 H H8A    . FAG A 1 5  ? -0.603  -4.755  4.084   1.00 0.00 ? 5  FAG A H8A    1 
HETATM 189 H H9     . FAG A 1 5  ? 1.327   -2.827  3.878   1.00 0.00 ? 5  FAG A H9     1 
HETATM 190 H HO9    . FAG A 1 5  ? 1.685   -4.563  5.179   1.00 0.00 ? 5  FAG A HO9    1 
HETATM 191 H H9A    . FAG A 1 5  ? 0.583   -1.789  6.307   1.00 0.00 ? 5  FAG A H9A    1 
HETATM 192 H H6A    . FAG A 1 5  ? -1.744  -2.132  6.572   1.00 0.00 ? 5  FAG A H6A    1 
HETATM 193 H H5B    . FAG A 1 5  ? -2.657  1.067   3.669   1.00 0.00 ? 5  FAG A H5B    1 
HETATM 194 H HM1    . FAG A 1 5  ? -2.918  3.521   3.274   1.00 0.00 ? 5  FAG A HM1    1 
HETATM 195 H HM2    . FAG A 1 5  ? -2.851  2.684   1.716   1.00 0.00 ? 5  FAG A HM2    1 
HETATM 196 H HM3    . FAG A 1 5  ? -2.268  4.368   1.867   1.00 0.00 ? 5  FAG A HM3    1 
ATOM   197 P P      . DC  A 1 6  ? -8.320  -3.425  -0.852  1.00 0.00 ? 6  DC  A P      1 
ATOM   198 O OP1    . DC  A 1 6  ? -9.326  -2.881  0.097   1.00 0.00 ? 6  DC  A OP1    1 
ATOM   199 O OP2    . DC  A 1 6  ? -8.619  -4.704  -1.542  1.00 0.00 ? 6  DC  A OP2    1 
ATOM   200 O "O5'"  . DC  A 1 6  ? -7.939  -2.314  -1.956  1.00 0.00 ? 6  DC  A "O5'"  1 
ATOM   201 C "C5'"  . DC  A 1 6  ? -7.965  -0.941  -1.657  1.00 0.00 ? 6  DC  A "C5'"  1 
ATOM   202 C "C4'"  . DC  A 1 6  ? -7.184  -0.078  -2.656  1.00 0.00 ? 6  DC  A "C4'"  1 
ATOM   203 O "O4'"  . DC  A 1 6  ? -5.803  -0.023  -2.274  1.00 0.00 ? 6  DC  A "O4'"  1 
ATOM   204 C "C3'"  . DC  A 1 6  ? -7.252  -0.520  -4.130  1.00 0.00 ? 6  DC  A "C3'"  1 
ATOM   205 O "O3'"  . DC  A 1 6  ? -7.320  0.649   -4.955  1.00 0.00 ? 6  DC  A "O3'"  1 
ATOM   206 C "C2'"  . DC  A 1 6  ? -5.954  -1.297  -4.242  1.00 0.00 ? 6  DC  A "C2'"  1 
ATOM   207 C "C1'"  . DC  A 1 6  ? -5.005  -0.536  -3.333  1.00 0.00 ? 6  DC  A "C1'"  1 
ATOM   208 N N1     . DC  A 1 6  ? -3.855  -1.321  -2.785  1.00 0.00 ? 6  DC  A N1     1 
ATOM   209 C C2     . DC  A 1 6  ? -2.553  -0.908  -3.088  1.00 0.00 ? 6  DC  A C2     1 
ATOM   210 O O2     . DC  A 1 6  ? -2.319  0.113   -3.719  1.00 0.00 ? 6  DC  A O2     1 
ATOM   211 N N3     . DC  A 1 6  ? -1.496  -1.632  -2.670  1.00 0.00 ? 6  DC  A N3     1 
ATOM   212 C C4     . DC  A 1 6  ? -1.722  -2.734  -1.973  1.00 0.00 ? 6  DC  A C4     1 
ATOM   213 N N4     . DC  A 1 6  ? -0.652  -3.399  -1.630  1.00 0.00 ? 6  DC  A N4     1 
ATOM   214 C C5     . DC  A 1 6  ? -3.009  -3.202  -1.619  1.00 0.00 ? 6  DC  A C5     1 
ATOM   215 C C6     . DC  A 1 6  ? -4.061  -2.457  -2.051  1.00 0.00 ? 6  DC  A C6     1 
ATOM   216 H "H5'"  . DC  A 1 6  ? -7.525  -0.759  -0.677  1.00 0.00 ? 6  DC  A "H5'"  1 
ATOM   217 H "H5''" . DC  A 1 6  ? -9.000  -0.600  -1.645  1.00 0.00 ? 6  DC  A "H5''" 1 
ATOM   218 H "H4'"  . DC  A 1 6  ? -7.590  0.930   -2.566  1.00 0.00 ? 6  DC  A "H4'"  1 
ATOM   219 H "H3'"  . DC  A 1 6  ? -8.074  -1.196  -4.366  1.00 0.00 ? 6  DC  A "H3'"  1 
ATOM   220 H "H2'"  . DC  A 1 6  ? -6.115  -2.308  -3.868  1.00 0.00 ? 6  DC  A "H2'"  1 
ATOM   221 H "H2''" . DC  A 1 6  ? -5.600  -1.288  -5.274  1.00 0.00 ? 6  DC  A "H2''" 1 
ATOM   222 H "H1'"  . DC  A 1 6  ? -4.616  0.252   -3.978  1.00 0.00 ? 6  DC  A "H1'"  1 
ATOM   223 H H41    . DC  A 1 6  ? -0.700  -4.192  -1.005  1.00 0.00 ? 6  DC  A H41    1 
ATOM   224 H H42    . DC  A 1 6  ? 0.252   -3.043  -1.905  1.00 0.00 ? 6  DC  A H42    1 
ATOM   225 H H5     . DC  A 1 6  ? -3.153  -4.117  -1.066  1.00 0.00 ? 6  DC  A H5     1 
ATOM   226 H H6     . DC  A 1 6  ? -5.076  -2.745  -1.822  1.00 0.00 ? 6  DC  A H6     1 
ATOM   227 P P      . DT  A 1 7  ? -7.381  0.607   -6.564  1.00 0.00 ? 7  DT  A P      1 
ATOM   228 O OP1    . DT  A 1 7  ? -8.302  1.675   -6.992  1.00 0.00 ? 7  DT  A OP1    1 
ATOM   229 O OP2    . DT  A 1 7  ? -7.637  -0.768  -7.026  1.00 0.00 ? 7  DT  A OP2    1 
ATOM   230 O "O5'"  . DT  A 1 7  ? -5.863  0.996   -6.987  1.00 0.00 ? 7  DT  A "O5'"  1 
ATOM   231 C "C5'"  . DT  A 1 7  ? -5.317  2.285   -6.703  1.00 0.00 ? 7  DT  A "C5'"  1 
ATOM   232 C "C4'"  . DT  A 1 7  ? -3.984  2.553   -7.416  1.00 0.00 ? 7  DT  A "C4'"  1 
ATOM   233 O "O4'"  . DT  A 1 7  ? -2.936  1.768   -6.847  1.00 0.00 ? 7  DT  A "O4'"  1 
ATOM   234 C "C3'"  . DT  A 1 7  ? -4.006  2.303   -8.926  1.00 0.00 ? 7  DT  A "C3'"  1 
ATOM   235 O "O3'"  . DT  A 1 7  ? -3.342  3.373   -9.584  1.00 0.00 ? 7  DT  A "O3'"  1 
ATOM   236 C "C2'"  . DT  A 1 7  ? -3.300  0.959   -9.022  1.00 0.00 ? 7  DT  A "C2'"  1 
ATOM   237 C "C1'"  . DT  A 1 7  ? -2.323  0.968   -7.857  1.00 0.00 ? 7  DT  A "C1'"  1 
ATOM   238 N N1     . DT  A 1 7  ? -2.001  -0.359  -7.279  1.00 0.00 ? 7  DT  A N1     1 
ATOM   239 C C2     . DT  A 1 7  ? -0.653  -0.705  -7.087  1.00 0.00 ? 7  DT  A C2     1 
ATOM   240 O O2     . DT  A 1 7  ? 0.277   -0.055  -7.543  1.00 0.00 ? 7  DT  A O2     1 
ATOM   241 N N3     . DT  A 1 7  ? -0.395  -1.860  -6.412  1.00 0.00 ? 7  DT  A N3     1 
ATOM   242 C C4     . DT  A 1 7  ? -1.313  -2.764  -5.955  1.00 0.00 ? 7  DT  A C4     1 
ATOM   243 O O4     . DT  A 1 7  ? -0.929  -3.791  -5.406  1.00 0.00 ? 7  DT  A O4     1 
ATOM   244 C C5     . DT  A 1 7  ? -2.698  -2.377  -6.202  1.00 0.00 ? 7  DT  A C5     1 
ATOM   245 C C7     . DT  A 1 7  ? -3.820  -3.274  -5.710  1.00 0.00 ? 7  DT  A C7     1 
ATOM   246 C C6     . DT  A 1 7  ? -3.003  -1.210  -6.828  1.00 0.00 ? 7  DT  A C6     1 
ATOM   247 H "H5'"  . DT  A 1 7  ? -5.164  2.433   -5.635  1.00 0.00 ? 7  DT  A "H5'"  1 
ATOM   248 H "H5''" . DT  A 1 7  ? -6.029  3.029   -7.060  1.00 0.00 ? 7  DT  A "H5''" 1 
ATOM   249 H "H4'"  . DT  A 1 7  ? -3.724  3.601   -7.264  1.00 0.00 ? 7  DT  A "H4'"  1 
ATOM   250 H "H3'"  . DT  A 1 7  ? -5.028  2.239   -9.302  1.00 0.00 ? 7  DT  A "H3'"  1 
ATOM   251 H "H2'"  . DT  A 1 7  ? -4.044  0.171   -8.904  1.00 0.00 ? 7  DT  A "H2'"  1 
ATOM   252 H "H2''" . DT  A 1 7  ? -2.797  0.804   -9.977  1.00 0.00 ? 7  DT  A "H2''" 1 
ATOM   253 H "H1'"  . DT  A 1 7  ? -1.413  1.447   -8.221  1.00 0.00 ? 7  DT  A "H1'"  1 
ATOM   254 H H3     . DT  A 1 7  ? 0.576   -2.130  -6.340  1.00 0.00 ? 7  DT  A H3     1 
ATOM   255 H H71    . DT  A 1 7  ? -3.891  -3.213  -4.624  1.00 0.00 ? 7  DT  A H71    1 
ATOM   256 H H72    . DT  A 1 7  ? -3.567  -4.302  -5.967  1.00 0.00 ? 7  DT  A H72    1 
ATOM   257 H H73    . DT  A 1 7  ? -4.774  -3.020  -6.173  1.00 0.00 ? 7  DT  A H73    1 
ATOM   258 H H6     . DT  A 1 7  ? -4.043  -0.945  -6.953  1.00 0.00 ? 7  DT  A H6     1 
ATOM   259 P P      . DT  A 1 8  ? -3.119  3.478   -11.176 1.00 0.00 ? 8  DT  A P      1 
ATOM   260 O OP1    . DT  A 1 8  ? -3.018  4.923   -11.487 1.00 0.00 ? 8  DT  A OP1    1 
ATOM   261 O OP2    . DT  A 1 8  ? -4.154  2.654   -11.858 1.00 0.00 ? 8  DT  A OP2    1 
ATOM   262 O "O5'"  . DT  A 1 8  ? -1.665  2.817   -11.381 1.00 0.00 ? 8  DT  A "O5'"  1 
ATOM   263 C "C5'"  . DT  A 1 8  ? -0.485  3.433   -10.870 1.00 0.00 ? 8  DT  A "C5'"  1 
ATOM   264 C "C4'"  . DT  A 1 8  ? 0.814   2.654   -11.118 1.00 0.00 ? 8  DT  A "C4'"  1 
ATOM   265 O "O4'"  . DT  A 1 8  ? 0.816   1.444   -10.382 1.00 0.00 ? 8  DT  A "O4'"  1 
ATOM   266 C "C3'"  . DT  A 1 8  ? 1.083   2.322   -12.595 1.00 0.00 ? 8  DT  A "C3'"  1 
ATOM   267 O "O3'"  . DT  A 1 8  ? 2.418   2.705   -12.872 1.00 0.00 ? 8  DT  A "O3'"  1 
ATOM   268 C "C2'"  . DT  A 1 8  ? 0.860   0.807   -12.633 1.00 0.00 ? 8  DT  A "C2'"  1 
ATOM   269 C "C1'"  . DT  A 1 8  ? 1.252   0.387   -11.196 1.00 0.00 ? 8  DT  A "C1'"  1 
ATOM   270 N N1     . DT  A 1 8  ? 0.673   -0.883  -10.697 1.00 0.00 ? 8  DT  A N1     1 
ATOM   271 C C2     . DT  A 1 8  ? 1.546   -1.788  -10.081 1.00 0.00 ? 8  DT  A C2     1 
ATOM   272 O O2     . DT  A 1 8  ? 2.767   -1.642  -10.002 1.00 0.00 ? 8  DT  A O2     1 
ATOM   273 N N3     . DT  A 1 8  ? 1.001   -2.934  -9.557  1.00 0.00 ? 8  DT  A N3     1 
ATOM   274 C C4     . DT  A 1 8  ? -0.324  -3.266  -9.563  1.00 0.00 ? 8  DT  A C4     1 
ATOM   275 O O4     . DT  A 1 8  ? -0.680  -4.332  -9.053  1.00 0.00 ? 8  DT  A O4     1 
ATOM   276 C C5     . DT  A 1 8  ? -1.211  -2.270  -10.202 1.00 0.00 ? 8  DT  A C5     1 
ATOM   277 C C7     . DT  A 1 8  ? -2.713  -2.529  -10.309 1.00 0.00 ? 8  DT  A C7     1 
ATOM   278 C C6     . DT  A 1 8  ? -0.690  -1.126  -10.722 1.00 0.00 ? 8  DT  A C6     1 
ATOM   279 H "H5'"  . DT  A 1 8  ? -0.612  3.585   -9.798  1.00 0.00 ? 8  DT  A "H5'"  1 
ATOM   280 H "H5''" . DT  A 1 8  ? -0.362  4.425   -11.304 1.00 0.00 ? 8  DT  A "H5''" 1 
ATOM   281 H "H4'"  . DT  A 1 8  ? 1.636   3.268   -10.750 1.00 0.00 ? 8  DT  A "H4'"  1 
ATOM   282 H "H3'"  . DT  A 1 8  ? 0.386   2.863   -13.235 1.00 0.00 ? 8  DT  A "H3'"  1 
ATOM   283 H "H2'"  . DT  A 1 8  ? -0.192  0.595   -12.824 1.00 0.00 ? 8  DT  A "H2'"  1 
ATOM   284 H "H2''" . DT  A 1 8  ? 1.493   0.325   -13.377 1.00 0.00 ? 8  DT  A "H2''" 1 
ATOM   285 H "H1'"  . DT  A 1 8  ? 2.340   0.320   -11.184 1.00 0.00 ? 8  DT  A "H1'"  1 
ATOM   286 H H3     . DT  A 1 8  ? 1.674   -3.600  -9.204  1.00 0.00 ? 8  DT  A H3     1 
ATOM   287 H H71    . DT  A 1 8  ? -3.144  -2.635  -9.314  1.00 0.00 ? 8  DT  A H71    1 
ATOM   288 H H72    . DT  A 1 8  ? -2.855  -3.468  -10.843 1.00 0.00 ? 8  DT  A H72    1 
ATOM   289 H H73    . DT  A 1 8  ? -3.229  -1.742  -10.861 1.00 0.00 ? 8  DT  A H73    1 
ATOM   290 H H6     . DT  A 1 8  ? -1.358  -0.414  -11.185 1.00 0.00 ? 8  DT  A H6     1 
ATOM   291 P P      . DC  A 1 9  ? 3.113   2.569   -14.333 1.00 0.00 ? 9  DC  A P      1 
ATOM   292 O OP1    . DC  A 1 9  ? 4.058   3.707   -14.528 1.00 0.00 ? 9  DC  A OP1    1 
ATOM   293 O OP2    . DC  A 1 9  ? 2.067   2.315   -15.352 1.00 0.00 ? 9  DC  A OP2    1 
ATOM   294 O "O5'"  . DC  A 1 9  ? 3.986   1.217   -14.185 1.00 0.00 ? 9  DC  A "O5'"  1 
ATOM   295 C "C5'"  . DC  A 1 9  ? 5.151   1.172   -13.367 1.00 0.00 ? 9  DC  A "C5'"  1 
ATOM   296 C "C4'"  . DC  A 1 9  ? 5.897   -0.173  -13.392 1.00 0.00 ? 9  DC  A "C4'"  1 
ATOM   297 O "O4'"  . DC  A 1 9  ? 5.113   -1.138  -12.704 1.00 0.00 ? 9  DC  A "O4'"  1 
ATOM   298 C "C3'"  . DC  A 1 9  ? 6.222   -0.707  -14.821 1.00 0.00 ? 9  DC  A "C3'"  1 
ATOM   299 O "O3'"  . DC  A 1 9  ? 7.576   -1.148  -14.899 1.00 0.00 ? 9  DC  A "O3'"  1 
ATOM   300 C "C2'"  . DC  A 1 9  ? 5.197   -1.824  -14.961 1.00 0.00 ? 9  DC  A "C2'"  1 
ATOM   301 C "C1'"  . DC  A 1 9  ? 5.037   -2.319  -13.512 1.00 0.00 ? 9  DC  A "C1'"  1 
ATOM   302 N N1     . DC  A 1 9  ? 3.784   -3.061  -13.228 1.00 0.00 ? 9  DC  A N1     1 
ATOM   303 C C2     . DC  A 1 9  ? 3.817   -4.300  -12.568 1.00 0.00 ? 9  DC  A C2     1 
ATOM   304 O O2     . DC  A 1 9  ? 4.866   -4.822  -12.207 1.00 0.00 ? 9  DC  A O2     1 
ATOM   305 N N3     . DC  A 1 9  ? 2.681   -4.966  -12.262 1.00 0.00 ? 9  DC  A N3     1 
ATOM   306 C C4     . DC  A 1 9  ? 1.531   -4.379  -12.590 1.00 0.00 ? 9  DC  A C4     1 
ATOM   307 N N4     . DC  A 1 9  ? 0.467   -5.062  -12.254 1.00 0.00 ? 9  DC  A N4     1 
ATOM   308 C C5     . DC  A 1 9  ? 1.409   -3.095  -13.189 1.00 0.00 ? 9  DC  A C5     1 
ATOM   309 C C6     . DC  A 1 9  ? 2.577   -2.473  -13.515 1.00 0.00 ? 9  DC  A C6     1 
ATOM   310 H "H5'"  . DC  A 1 9  ? 4.875   1.400   -12.338 1.00 0.00 ? 9  DC  A "H5'"  1 
ATOM   311 H "H5''" . DC  A 1 9  ? 5.838   1.947   -13.708 1.00 0.00 ? 9  DC  A "H5''" 1 
ATOM   312 H "H4'"  . DC  A 1 9  ? 6.849   -0.010  -12.886 1.00 0.00 ? 9  DC  A "H4'"  1 
ATOM   313 H "H3'"  . DC  A 1 9  ? 6.011   0.054   -15.574 1.00 0.00 ? 9  DC  A "H3'"  1 
ATOM   314 H "H2'"  . DC  A 1 9  ? 4.264   -1.397  -15.327 1.00 0.00 ? 9  DC  A "H2'"  1 
ATOM   315 H "H2''" . DC  A 1 9  ? 5.527   -2.606  -15.647 1.00 0.00 ? 9  DC  A "H2''" 1 
ATOM   316 H "H1'"  . DC  A 1 9  ? 5.901   -2.941  -13.276 1.00 0.00 ? 9  DC  A "H1'"  1 
ATOM   317 H H41    . DC  A 1 9  ? -0.450  -4.670  -12.418 1.00 0.00 ? 9  DC  A H41    1 
ATOM   318 H H42    . DC  A 1 9  ? 0.588   -5.937  -11.764 1.00 0.00 ? 9  DC  A H42    1 
ATOM   319 H H5     . DC  A 1 9  ? 0.465   -2.602  -13.372 1.00 0.00 ? 9  DC  A H5     1 
ATOM   320 H H6     . DC  A 1 9  ? 2.553   -1.488  -13.954 1.00 0.00 ? 9  DC  A H6     1 
ATOM   321 P P      . DA  A 1 10 ? 8.240   -1.652  -16.285 1.00 0.00 ? 10 DA  A P      1 
ATOM   322 O OP1    . DA  A 1 10 ? 9.707   -1.456  -16.195 1.00 0.00 ? 10 DA  A OP1    1 
ATOM   323 O OP2    . DA  A 1 10 ? 7.503   -1.058  -17.425 1.00 0.00 ? 10 DA  A OP2    1 
ATOM   324 O "O5'"  . DA  A 1 10 ? 7.955   -3.227  -16.303 1.00 0.00 ? 10 DA  A "O5'"  1 
ATOM   325 C "C5'"  . DA  A 1 10 ? 8.566   -4.084  -15.334 1.00 0.00 ? 10 DA  A "C5'"  1 
ATOM   326 C "C4'"  . DA  A 1 10 ? 8.132   -5.543  -15.420 1.00 0.00 ? 10 DA  A "C4'"  1 
ATOM   327 O "O4'"  . DA  A 1 10 ? 6.831   -5.707  -14.856 1.00 0.00 ? 10 DA  A "O4'"  1 
ATOM   328 C "C3'"  . DA  A 1 10 ? 8.123   -6.097  -16.858 1.00 0.00 ? 10 DA  A "C3'"  1 
ATOM   329 O "O3'"  . DA  A 1 10 ? 8.839   -7.326  -16.953 1.00 0.00 ? 10 DA  A "O3'"  1 
ATOM   330 C "C2'"  . DA  A 1 10 ? 6.643   -6.335  -17.080 1.00 0.00 ? 10 DA  A "C2'"  1 
ATOM   331 C "C1'"  . DA  A 1 10 ? 6.192   -6.685  -15.666 1.00 0.00 ? 10 DA  A "C1'"  1 
ATOM   332 N N9     . DA  A 1 10 ? 4.720   -6.659  -15.470 1.00 0.00 ? 10 DA  A N9     1 
ATOM   333 C C8     . DA  A 1 10 ? 3.799   -5.706  -15.881 1.00 0.00 ? 10 DA  A C8     1 
ATOM   334 N N7     . DA  A 1 10 ? 2.556   -5.970  -15.552 1.00 0.00 ? 10 DA  A N7     1 
ATOM   335 C C5     . DA  A 1 10 ? 2.673   -7.218  -14.921 1.00 0.00 ? 10 DA  A C5     1 
ATOM   336 C C6     . DA  A 1 10 ? 1.751   -8.134  -14.346 1.00 0.00 ? 10 DA  A C6     1 
ATOM   337 N N6     . DA  A 1 10 ? 0.430   -7.931  -14.271 1.00 0.00 ? 10 DA  A N6     1 
ATOM   338 N N1     . DA  A 1 10 ? 2.147   -9.301  -13.876 1.00 0.00 ? 10 DA  A N1     1 
ATOM   339 C C2     . DA  A 1 10 ? 3.441   -9.599  -13.939 1.00 0.00 ? 10 DA  A C2     1 
ATOM   340 N N3     . DA  A 1 10 ? 4.429   -8.843  -14.421 1.00 0.00 ? 10 DA  A N3     1 
ATOM   341 C C4     . DA  A 1 10 ? 3.978   -7.650  -14.887 1.00 0.00 ? 10 DA  A C4     1 
ATOM   342 H "H5'"  . DA  A 1 10 ? 8.352   -3.752  -14.319 1.00 0.00 ? 10 DA  A "H5'"  1 
ATOM   343 H "H5''" . DA  A 1 10 ? 9.647   -4.048  -15.472 1.00 0.00 ? 10 DA  A "H5''" 1 
ATOM   344 H "H4'"  . DA  A 1 10 ? 8.828   -6.115  -14.807 1.00 0.00 ? 10 DA  A "H4'"  1 
ATOM   345 H "H3'"  . DA  A 1 10 ? 8.497   -5.367  -17.576 1.00 0.00 ? 10 DA  A "H3'"  1 
ATOM   346 H "HO3'" . DA  A 1 10 ? 8.872   -7.591  -17.875 1.00 0.00 ? 10 DA  A "HO3'" 1 
ATOM   347 H "H2'"  . DA  A 1 10 ? 6.193   -5.413  -17.446 1.00 0.00 ? 10 DA  A "H2'"  1 
ATOM   348 H "H2''" . DA  A 1 10 ? 6.440   -7.154  -17.769 1.00 0.00 ? 10 DA  A "H2''" 1 
ATOM   349 H "H1'"  . DA  A 1 10 ? 6.566   -7.678  -15.417 1.00 0.00 ? 10 DA  A "H1'"  1 
ATOM   350 H H8     . DA  A 1 10 ? 4.133   -4.829  -16.416 1.00 0.00 ? 10 DA  A H8     1 
ATOM   351 H H61    . DA  A 1 10 ? -0.140  -8.650  -13.851 1.00 0.00 ? 10 DA  A H61    1 
ATOM   352 H H62    . DA  A 1 10 ? 0.046   -7.051  -14.582 1.00 0.00 ? 10 DA  A H62    1 
ATOM   353 H H2     . DA  A 1 10 ? 3.765   -10.562 -13.570 1.00 0.00 ? 10 DA  A H2     1 
ATOM   354 O "O5'"  . DT  B 2 1  ? -2.165  -18.030 -12.878 1.00 0.00 ? 11 DT  B "O5'"  1 
ATOM   355 C "C5'"  . DT  B 2 1  ? -1.640  -17.558 -11.627 1.00 0.00 ? 11 DT  B "C5'"  1 
ATOM   356 C "C4'"  . DT  B 2 1  ? -0.156  -17.165 -11.738 1.00 0.00 ? 11 DT  B "C4'"  1 
ATOM   357 O "O4'"  . DT  B 2 1  ? -0.027  -15.971 -12.501 1.00 0.00 ? 11 DT  B "O4'"  1 
ATOM   358 C "C3'"  . DT  B 2 1  ? 0.461   -16.904 -10.369 1.00 0.00 ? 11 DT  B "C3'"  1 
ATOM   359 O "O3'"  . DT  B 2 1  ? 1.787   -17.431 -10.355 1.00 0.00 ? 11 DT  B "O3'"  1 
ATOM   360 C "C2'"  . DT  B 2 1  ? 0.343   -15.385 -10.248 1.00 0.00 ? 11 DT  B "C2'"  1 
ATOM   361 C "C1'"  . DT  B 2 1  ? 0.583   -14.961 -11.702 1.00 0.00 ? 11 DT  B "C1'"  1 
ATOM   362 N N1     . DT  B 2 1  ? 0.024   -13.622 -12.036 1.00 0.00 ? 11 DT  B N1     1 
ATOM   363 C C2     . DT  B 2 1  ? 0.880   -12.649 -12.589 1.00 0.00 ? 11 DT  B C2     1 
ATOM   364 O O2     . DT  B 2 1  ? 2.076   -12.854 -12.808 1.00 0.00 ? 11 DT  B O2     1 
ATOM   365 N N3     . DT  B 2 1  ? 0.366   -11.399 -12.825 1.00 0.00 ? 11 DT  B N3     1 
ATOM   366 C C4     . DT  B 2 1  ? -0.939  -11.027 -12.608 1.00 0.00 ? 11 DT  B C4     1 
ATOM   367 O O4     . DT  B 2 1  ? -1.261  -9.884  -12.899 1.00 0.00 ? 11 DT  B O4     1 
ATOM   368 C C5     . DT  B 2 1  ? -1.791  -12.076 -12.062 1.00 0.00 ? 11 DT  B C5     1 
ATOM   369 C C7     . DT  B 2 1  ? -3.259  -11.788 -11.789 1.00 0.00 ? 11 DT  B C7     1 
ATOM   370 C C6     . DT  B 2 1  ? -1.303  -13.320 -11.817 1.00 0.00 ? 11 DT  B C6     1 
ATOM   371 H "H5'"  . DT  B 2 1  ? -1.767  -18.344 -10.883 1.00 0.00 ? 11 DT  B "H5'"  1 
ATOM   372 H "H5''" . DT  B 2 1  ? -2.189  -16.683 -11.278 1.00 0.00 ? 11 DT  B "H5''" 1 
ATOM   373 H "H4'"  . DT  B 2 1  ? 0.383   -17.976 -12.227 1.00 0.00 ? 11 DT  B "H4'"  1 
ATOM   374 H "H3'"  . DT  B 2 1  ? -0.096  -17.408 -9.579  1.00 0.00 ? 11 DT  B "H3'"  1 
ATOM   375 H "H2'"  . DT  B 2 1  ? -0.645  -15.089 -9.894  1.00 0.00 ? 11 DT  B "H2'"  1 
ATOM   376 H "H2''" . DT  B 2 1  ? 1.131   -14.992 -9.607  1.00 0.00 ? 11 DT  B "H2''" 1 
ATOM   377 H "H1'"  . DT  B 2 1  ? 1.661   -14.997 -11.863 1.00 0.00 ? 11 DT  B "H1'"  1 
ATOM   378 H H3     . DT  B 2 1  ? 0.971   -10.675 -13.185 1.00 0.00 ? 11 DT  B H3     1 
ATOM   379 H H71    . DT  B 2 1  ? -3.781  -12.683 -11.447 1.00 0.00 ? 11 DT  B H71    1 
ATOM   380 H H72    . DT  B 2 1  ? -3.698  -11.457 -12.730 1.00 0.00 ? 11 DT  B H72    1 
ATOM   381 H H73    . DT  B 2 1  ? -3.384  -10.988 -11.059 1.00 0.00 ? 11 DT  B H73    1 
ATOM   382 H H6     . DT  B 2 1  ? -1.955  -14.085 -11.418 1.00 0.00 ? 11 DT  B H6     1 
ATOM   383 H "HO5'" . DT  B 2 1  ? -1.982  -17.371 -13.552 1.00 0.00 ? 11 DT  B "HO5'" 1 
ATOM   384 P P      . DG  B 2 2  ? 2.685   -17.529 -9.020  1.00 0.00 ? 12 DG  B P      1 
ATOM   385 O OP1    . DG  B 2 2  ? 3.636   -18.648 -9.184  1.00 0.00 ? 12 DG  B OP1    1 
ATOM   386 O OP2    . DG  B 2 2  ? 1.783   -17.567 -7.846  1.00 0.00 ? 12 DG  B OP2    1 
ATOM   387 O "O5'"  . DG  B 2 2  ? 3.454   -16.124 -8.978  1.00 0.00 ? 12 DG  B "O5'"  1 
ATOM   388 C "C5'"  . DG  B 2 2  ? 4.546   -15.872 -9.877  1.00 0.00 ? 12 DG  B "C5'"  1 
ATOM   389 C "C4'"  . DG  B 2 2  ? 5.157   -14.478 -9.775  1.00 0.00 ? 12 DG  B "C4'"  1 
ATOM   390 O "O4'"  . DG  B 2 2  ? 4.284   -13.490 -10.296 1.00 0.00 ? 12 DG  B "O4'"  1 
ATOM   391 C "C3'"  . DG  B 2 2  ? 5.574   -14.069 -8.331  1.00 0.00 ? 12 DG  B "C3'"  1 
ATOM   392 O "O3'"  . DG  B 2 2  ? 6.945   -13.658 -8.344  1.00 0.00 ? 12 DG  B "O3'"  1 
ATOM   393 C "C2'"  . DG  B 2 2  ? 4.595   -12.922 -8.058  1.00 0.00 ? 12 DG  B "C2'"  1 
ATOM   394 C "C1'"  . DG  B 2 2  ? 4.437   -12.330 -9.460  1.00 0.00 ? 12 DG  B "C1'"  1 
ATOM   395 N N9     . DG  B 2 2  ? 3.303   -11.372 -9.609  1.00 0.00 ? 12 DG  B N9     1 
ATOM   396 C C8     . DG  B 2 2  ? 1.971   -11.542 -9.323  1.00 0.00 ? 12 DG  B C8     1 
ATOM   397 N N7     . DG  B 2 2  ? 1.219   -10.509 -9.610  1.00 0.00 ? 12 DG  B N7     1 
ATOM   398 C C5     . DG  B 2 2  ? 2.124   -9.555  -10.120 1.00 0.00 ? 12 DG  B C5     1 
ATOM   399 C C6     . DG  B 2 2  ? 1.955   -8.225  -10.636 1.00 0.00 ? 12 DG  B C6     1 
ATOM   400 O O6     . DG  B 2 2  ? 0.942   -7.558  -10.762 1.00 0.00 ? 12 DG  B O6     1 
ATOM   401 N N1     . DG  B 2 2  ? 3.129   -7.614  -11.037 1.00 0.00 ? 12 DG  B N1     1 
ATOM   402 C C2     . DG  B 2 2  ? 4.331   -8.212  -10.965 1.00 0.00 ? 12 DG  B C2     1 
ATOM   403 N N2     . DG  B 2 2  ? 5.379   -7.533  -11.330 1.00 0.00 ? 12 DG  B N2     1 
ATOM   404 N N3     . DG  B 2 2  ? 4.523   -9.444  -10.527 1.00 0.00 ? 12 DG  B N3     1 
ATOM   405 C C4     . DG  B 2 2  ? 3.397   -10.084 -10.110 1.00 0.00 ? 12 DG  B C4     1 
ATOM   406 H "H5'"  . DG  B 2 2  ? 4.193   -16.026 -10.897 1.00 0.00 ? 12 DG  B "H5'"  1 
ATOM   407 H "H5''" . DG  B 2 2  ? 5.342   -16.598 -9.707  1.00 0.00 ? 12 DG  B "H5''" 1 
ATOM   408 H "H4'"  . DG  B 2 2  ? 6.041   -14.475 -10.413 1.00 0.00 ? 12 DG  B "H4'"  1 
ATOM   409 H "H3'"  . DG  B 2 2  ? 5.424   -14.905 -7.648  1.00 0.00 ? 12 DG  B "H3'"  1 
ATOM   410 H "H2'"  . DG  B 2 2  ? 3.657   -13.356 -7.713  1.00 0.00 ? 12 DG  B "H2'"  1 
ATOM   411 H "H2''" . DG  B 2 2  ? 4.983   -12.178 -7.364  1.00 0.00 ? 12 DG  B "H2''" 1 
ATOM   412 H "H1'"  . DG  B 2 2  ? 5.362   -11.818 -9.724  1.00 0.00 ? 12 DG  B "H1'"  1 
ATOM   413 H H8     . DG  B 2 2  ? 1.607   -12.460 -8.889  1.00 0.00 ? 12 DG  B H8     1 
ATOM   414 H H1     . DG  B 2 2  ? 3.065   -6.689  -11.435 1.00 0.00 ? 12 DG  B H1     1 
ATOM   415 H H21    . DG  B 2 2  ? 6.296   -7.946  -11.251 1.00 0.00 ? 12 DG  B H21    1 
ATOM   416 H H22    . DG  B 2 2  ? 5.294   -6.565  -11.607 1.00 0.00 ? 12 DG  B H22    1 
ATOM   417 P P      . DA  B 2 3  ? 7.689   -13.084 -7.036  1.00 0.00 ? 13 DA  B P      1 
ATOM   418 O OP1    . DA  B 2 3  ? 9.073   -13.602 -7.039  1.00 0.00 ? 13 DA  B OP1    1 
ATOM   419 O OP2    . DA  B 2 3  ? 6.824   -13.327 -5.854  1.00 0.00 ? 13 DA  B OP2    1 
ATOM   420 O "O5'"  . DA  B 2 3  ? 7.731   -11.487 -7.316  1.00 0.00 ? 13 DA  B "O5'"  1 
ATOM   421 C "C5'"  . DA  B 2 3  ? 8.459   -10.956 -8.439  1.00 0.00 ? 13 DA  B "C5'"  1 
ATOM   422 C "C4'"  . DA  B 2 3  ? 8.579   -9.427  -8.487  1.00 0.00 ? 13 DA  B "C4'"  1 
ATOM   423 O "O4'"  . DA  B 2 3  ? 7.311   -8.798  -8.726  1.00 0.00 ? 13 DA  B "O4'"  1 
ATOM   424 C "C3'"  . DA  B 2 3  ? 9.165   -8.852  -7.180  1.00 0.00 ? 13 DA  B "C3'"  1 
ATOM   425 O "O3'"  . DA  B 2 3  ? 10.206  -7.923  -7.517  1.00 0.00 ? 13 DA  B "O3'"  1 
ATOM   426 C "C2'"  . DA  B 2 3  ? 7.922   -8.227  -6.530  1.00 0.00 ? 13 DA  B "C2'"  1 
ATOM   427 C "C1'"  . DA  B 2 3  ? 7.082   -7.788  -7.753  1.00 0.00 ? 13 DA  B "C1'"  1 
ATOM   428 N N9     . DA  B 2 3  ? 5.627   -7.658  -7.472  1.00 0.00 ? 13 DA  B N9     1 
ATOM   429 C C8     . DA  B 2 3  ? 4.785   -8.523  -6.823  1.00 0.00 ? 13 DA  B C8     1 
ATOM   430 N N7     . DA  B 2 3  ? 3.521   -8.191  -6.853  1.00 0.00 ? 13 DA  B N7     1 
ATOM   431 C C5     . DA  B 2 3  ? 3.529   -6.995  -7.571  1.00 0.00 ? 13 DA  B C5     1 
ATOM   432 C C6     . DA  B 2 3  ? 2.562   -6.068  -8.011  1.00 0.00 ? 13 DA  B C6     1 
ATOM   433 N N6     . DA  B 2 3  ? 1.261   -6.173  -7.813  1.00 0.00 ? 13 DA  B N6     1 
ATOM   434 N N1     . DA  B 2 3  ? 2.892   -4.986  -8.700  1.00 0.00 ? 13 DA  B N1     1 
ATOM   435 C C2     . DA  B 2 3  ? 4.167   -4.784  -9.007  1.00 0.00 ? 13 DA  B C2     1 
ATOM   436 N N3     . DA  B 2 3  ? 5.184   -5.568  -8.674  1.00 0.00 ? 13 DA  B N3     1 
ATOM   437 C C4     . DA  B 2 3  ? 4.805   -6.666  -7.953  1.00 0.00 ? 13 DA  B C4     1 
ATOM   438 H "H5'"  . DA  B 2 3  ? 7.999   -11.295 -9.367  1.00 0.00 ? 13 DA  B "H5'"  1 
ATOM   439 H "H5''" . DA  B 2 3  ? 9.470   -11.360 -8.420  1.00 0.00 ? 13 DA  B "H5''" 1 
ATOM   440 H "H4'"  . DA  B 2 3  ? 9.253   -9.163  -9.302  1.00 0.00 ? 13 DA  B "H4'"  1 
ATOM   441 H "H3'"  . DA  B 2 3  ? 9.575   -9.634  -6.541  1.00 0.00 ? 13 DA  B "H3'"  1 
ATOM   442 H "H2'"  . DA  B 2 3  ? 7.397   -8.979  -5.940  1.00 0.00 ? 13 DA  B "H2'"  1 
ATOM   443 H "H2''" . DA  B 2 3  ? 8.172   -7.399  -5.868  1.00 0.00 ? 13 DA  B "H2''" 1 
ATOM   444 H "H1'"  . DA  B 2 3  ? 7.437   -6.824  -8.116  1.00 0.00 ? 13 DA  B "H1'"  1 
ATOM   445 H H8     . DA  B 2 3  ? 5.156   -9.414  -6.336  1.00 0.00 ? 13 DA  B H8     1 
ATOM   446 H H61    . DA  B 2 3  ? 0.658   -5.470  -8.217  1.00 0.00 ? 13 DA  B H61    1 
ATOM   447 H H62    . DA  B 2 3  ? 0.878   -6.940  -7.279  1.00 0.00 ? 13 DA  B H62    1 
ATOM   448 H H2     . DA  B 2 3  ? 4.383   -3.893  -9.578  1.00 0.00 ? 13 DA  B H2     1 
ATOM   449 P P      . DA  B 2 4  ? 11.020  -7.058  -6.415  1.00 0.00 ? 14 DA  B P      1 
ATOM   450 O OP1    . DA  B 2 4  ? 12.407  -6.910  -6.950  1.00 0.00 ? 14 DA  B OP1    1 
ATOM   451 O OP2    . DA  B 2 4  ? 10.833  -7.651  -5.069  1.00 0.00 ? 14 DA  B OP2    1 
ATOM   452 O "O5'"  . DA  B 2 4  ? 10.295  -5.627  -6.468  1.00 0.00 ? 14 DA  B "O5'"  1 
ATOM   453 C "C5'"  . DA  B 2 4  ? 10.396  -4.825  -7.636  1.00 0.00 ? 14 DA  B "C5'"  1 
ATOM   454 C "C4'"  . DA  B 2 4  ? 9.507   -3.568  -7.588  1.00 0.00 ? 14 DA  B "C4'"  1 
ATOM   455 O "O4'"  . DA  B 2 4  ? 8.139   -3.918  -7.534  1.00 0.00 ? 14 DA  B "O4'"  1 
ATOM   456 C "C3'"  . DA  B 2 4  ? 9.803   -2.661  -6.376  1.00 0.00 ? 14 DA  B "C3'"  1 
ATOM   457 O "O3'"  . DA  B 2 4  ? 10.109  -1.376  -6.908  1.00 0.00 ? 14 DA  B "O3'"  1 
ATOM   458 C "C2'"  . DA  B 2 4  ? 8.523   -2.766  -5.554  1.00 0.00 ? 14 DA  B "C2'"  1 
ATOM   459 C "C1'"  . DA  B 2 4  ? 7.476   -3.051  -6.633  1.00 0.00 ? 14 DA  B "C1'"  1 
ATOM   460 N N9     . DA  B 2 4  ? 6.265   -3.662  -6.088  1.00 0.00 ? 14 DA  B N9     1 
ATOM   461 C C8     . DA  B 2 4  ? 6.159   -4.771  -5.291  1.00 0.00 ? 14 DA  B C8     1 
ATOM   462 N N7     . DA  B 2 4  ? 4.941   -5.050  -4.898  1.00 0.00 ? 14 DA  B N7     1 
ATOM   463 C C5     . DA  B 2 4  ? 4.190   -4.016  -5.486  1.00 0.00 ? 14 DA  B C5     1 
ATOM   464 C C6     . DA  B 2 4  ? 2.816   -3.674  -5.543  1.00 0.00 ? 14 DA  B C6     1 
ATOM   465 N N6     . DA  B 2 4  ? 1.856   -4.347  -4.947  1.00 0.00 ? 14 DA  B N6     1 
ATOM   466 N N1     . DA  B 2 4  ? 2.403   -2.597  -6.196  1.00 0.00 ? 14 DA  B N1     1 
ATOM   467 C C2     . DA  B 2 4  ? 3.303   -1.844  -6.834  1.00 0.00 ? 14 DA  B C2     1 
ATOM   468 N N3     . DA  B 2 4  ? 4.615   -2.028  -6.871  1.00 0.00 ? 14 DA  B N3     1 
ATOM   469 C C4     . DA  B 2 4  ? 4.989   -3.153  -6.187  1.00 0.00 ? 14 DA  B C4     1 
ATOM   470 H "H5'"  . DA  B 2 4  ? 10.101  -5.413  -8.505  1.00 0.00 ? 14 DA  B "H5'"  1 
ATOM   471 H "H5''" . DA  B 2 4  ? 11.432  -4.514  -7.760  1.00 0.00 ? 14 DA  B "H5''" 1 
ATOM   472 H "H4'"  . DA  B 2 4  ? 9.692   -3.014  -8.509  1.00 0.00 ? 14 DA  B "H4'"  1 
ATOM   473 H "H3'"  . DA  B 2 4  ? 10.653  -3.023  -5.799  1.00 0.00 ? 14 DA  B "H3'"  1 
ATOM   474 H "H2'"  . DA  B 2 4  ? 8.620   -3.608  -4.868  1.00 0.00 ? 14 DA  B "H2'"  1 
ATOM   475 H "H2''" . DA  B 2 4  ? 8.267   -1.862  -5.001  1.00 0.00 ? 14 DA  B "H2''" 1 
ATOM   476 H "H1'"  . DA  B 2 4  ? 7.244   -2.103  -7.118  1.00 0.00 ? 14 DA  B "H1'"  1 
ATOM   477 H H8     . DA  B 2 4  ? 7.007   -5.378  -5.014  1.00 0.00 ? 14 DA  B H8     1 
ATOM   478 H H61    . DA  B 2 4  ? 0.900   -4.074  -5.126  1.00 0.00 ? 14 DA  B H61    1 
ATOM   479 H H62    . DA  B 2 4  ? 2.089   -5.154  -4.385  1.00 0.00 ? 14 DA  B H62    1 
ATOM   480 H H2     . DA  B 2 4  ? 2.904   -0.991  -7.363  1.00 0.00 ? 14 DA  B H2     1 
ATOM   481 P P      . DG  B 2 5  ? 10.401  -0.093  -6.006  1.00 0.00 ? 15 DG  B P      1 
ATOM   482 O OP1    . DG  B 2 5  ? 11.350  0.788   -6.727  1.00 0.00 ? 15 DG  B OP1    1 
ATOM   483 O OP2    . DG  B 2 5  ? 10.754  -0.560  -4.641  1.00 0.00 ? 15 DG  B OP2    1 
ATOM   484 O "O5'"  . DG  B 2 5  ? 8.976   0.646   -5.929  1.00 0.00 ? 15 DG  B "O5'"  1 
ATOM   485 C "C5'"  . DG  B 2 5  ? 8.392   1.262   -7.074  1.00 0.00 ? 15 DG  B "C5'"  1 
ATOM   486 C "C4'"  . DG  B 2 5  ? 7.080   1.978   -6.762  1.00 0.00 ? 15 DG  B "C4'"  1 
ATOM   487 O "O4'"  . DG  B 2 5  ? 6.081   1.073   -6.369  1.00 0.00 ? 15 DG  B "O4'"  1 
ATOM   488 C "C3'"  . DG  B 2 5  ? 7.209   3.063   -5.673  1.00 0.00 ? 15 DG  B "C3'"  1 
ATOM   489 O "O3'"  . DG  B 2 5  ? 6.635   4.289   -6.157  1.00 0.00 ? 15 DG  B "O3'"  1 
ATOM   490 C "C2'"  . DG  B 2 5  ? 6.420   2.452   -4.504  1.00 0.00 ? 15 DG  B "C2'"  1 
ATOM   491 C "C1'"  . DG  B 2 5  ? 5.406   1.587   -5.242  1.00 0.00 ? 15 DG  B "C1'"  1 
ATOM   492 N N9     . DG  B 2 5  ? 4.873   0.503   -4.394  1.00 0.00 ? 15 DG  B N9     1 
ATOM   493 C C8     . DG  B 2 5  ? 5.549   -0.510  -3.754  1.00 0.00 ? 15 DG  B C8     1 
ATOM   494 N N7     . DG  B 2 5  ? 4.776   -1.348  -3.110  1.00 0.00 ? 15 DG  B N7     1 
ATOM   495 C C5     . DG  B 2 5  ? 3.482   -0.864  -3.374  1.00 0.00 ? 15 DG  B C5     1 
ATOM   496 C C6     . DG  B 2 5  ? 2.187   -1.352  -2.981  1.00 0.00 ? 15 DG  B C6     1 
ATOM   497 O O6     . DG  B 2 5  ? 1.919   -2.366  -2.302  1.00 0.00 ? 15 DG  B O6     1 
ATOM   498 N N1     . DG  B 2 5  ? 1.134   -0.602  -3.461  1.00 0.00 ? 15 DG  B N1     1 
ATOM   499 C C2     . DG  B 2 5  ? 1.305   0.518   -4.213  1.00 0.00 ? 15 DG  B C2     1 
ATOM   500 N N2     . DG  B 2 5  ? 0.234   1.206   -4.495  1.00 0.00 ? 15 DG  B N2     1 
ATOM   501 N N3     . DG  B 2 5  ? 2.483   0.995   -4.614  1.00 0.00 ? 15 DG  B N3     1 
ATOM   502 C C4     . DG  B 2 5  ? 3.540   0.247   -4.177  1.00 0.00 ? 15 DG  B C4     1 
ATOM   503 H "H5'"  . DG  B 2 5  ? 8.234   0.507   -7.845  1.00 0.00 ? 15 DG  B "H5'"  1 
ATOM   504 H "H5''" . DG  B 2 5  ? 9.081   1.997   -7.488  1.00 0.00 ? 15 DG  B "H5''" 1 
ATOM   505 H "H4'"  . DG  B 2 5  ? 6.744   2.457   -7.682  1.00 0.00 ? 15 DG  B "H4'"  1 
ATOM   506 H "H3'"  . DG  B 2 5  ? 8.242   3.227   -5.368  1.00 0.00 ? 15 DG  B "H3'"  1 
ATOM   507 H "H2'"  . DG  B 2 5  ? 7.056   1.859   -3.845  1.00 0.00 ? 15 DG  B "H2'"  1 
ATOM   508 H "H2''" . DG  B 2 5  ? 5.919   3.207   -3.898  1.00 0.00 ? 15 DG  B "H2''" 1 
ATOM   509 H "H1'"  . DG  B 2 5  ? 4.602   2.259   -5.543  1.00 0.00 ? 15 DG  B "H1'"  1 
ATOM   510 H H8     . DG  B 2 5  ? 6.623   -0.608  -3.775  1.00 0.00 ? 15 DG  B H8     1 
ATOM   511 H H1     . DG  B 2 5  ? 0.195   -0.862  -3.195  1.00 0.00 ? 15 DG  B H1     1 
ATOM   512 H H21    . DG  B 2 5  ? 0.360   2.057   -5.025  1.00 0.00 ? 15 DG  B H21    1 
ATOM   513 H H22    . DG  B 2 5  ? -0.685  0.888   -4.221  1.00 0.00 ? 15 DG  B H22    1 
ATOM   514 P P      . DC  B 2 6  ? 6.703   5.661   -5.299  1.00 0.00 ? 16 DC  B P      1 
ATOM   515 O OP1    . DC  B 2 6  ? 6.659   6.774   -6.280  1.00 0.00 ? 16 DC  B OP1    1 
ATOM   516 O OP2    . DC  B 2 6  ? 7.844   5.591   -4.351  1.00 0.00 ? 16 DC  B OP2    1 
ATOM   517 O "O5'"  . DC  B 2 6  ? 5.318   5.648   -4.485  1.00 0.00 ? 16 DC  B "O5'"  1 
ATOM   518 C "C5'"  . DC  B 2 6  ? 4.075   5.743   -5.157  1.00 0.00 ? 16 DC  B "C5'"  1 
ATOM   519 C "C4'"  . DC  B 2 6  ? 2.870   5.526   -4.216  1.00 0.00 ? 16 DC  B "C4'"  1 
ATOM   520 O "O4'"  . DC  B 2 6  ? 2.856   4.214   -3.690  1.00 0.00 ? 16 DC  B "O4'"  1 
ATOM   521 C "C3'"  . DC  B 2 6  ? 2.835   6.494   -2.992  1.00 0.00 ? 16 DC  B "C3'"  1 
ATOM   522 O "O3'"  . DC  B 2 6  ? 1.618   7.232   -2.951  1.00 0.00 ? 16 DC  B "O3'"  1 
ATOM   523 C "C2'"  . DC  B 2 6  ? 2.921   5.535   -1.787  1.00 0.00 ? 16 DC  B "C2'"  1 
ATOM   524 C "C1'"  . DC  B 2 6  ? 2.341   4.264   -2.375  1.00 0.00 ? 16 DC  B "C1'"  1 
ATOM   525 N N1     . DC  B 2 6  ? 2.714   3.035   -1.619  1.00 0.00 ? 16 DC  B N1     1 
ATOM   526 C C2     . DC  B 2 6  ? 1.712   2.236   -1.055  1.00 0.00 ? 16 DC  B C2     1 
ATOM   527 O O2     . DC  B 2 6  ? 0.519   2.528   -1.129  1.00 0.00 ? 16 DC  B O2     1 
ATOM   528 N N3     . DC  B 2 6  ? 2.026   1.082   -0.411  1.00 0.00 ? 16 DC  B N3     1 
ATOM   529 C C4     . DC  B 2 6  ? 3.286   0.748   -0.329  1.00 0.00 ? 16 DC  B C4     1 
ATOM   530 N N4     . DC  B 2 6  ? 3.527   -0.373  0.311   1.00 0.00 ? 16 DC  B N4     1 
ATOM   531 C C5     . DC  B 2 6  ? 4.358   1.532   -0.839  1.00 0.00 ? 16 DC  B C5     1 
ATOM   532 C C6     . DC  B 2 6  ? 4.028   2.667   -1.495  1.00 0.00 ? 16 DC  B C6     1 
ATOM   533 H "H5'"  . DC  B 2 6  ? 4.011   5.005   -5.957  1.00 0.00 ? 16 DC  B "H5'"  1 
ATOM   534 H "H5''" . DC  B 2 6  ? 3.977   6.742   -5.584  1.00 0.00 ? 16 DC  B "H5''" 1 
ATOM   535 H "H4'"  . DC  B 2 6  ? 1.941   5.701   -4.757  1.00 0.00 ? 16 DC  B "H4'"  1 
ATOM   536 H "H3'"  . DC  B 2 6  ? 3.697   7.162   -2.976  1.00 0.00 ? 16 DC  B "H3'"  1 
ATOM   537 H "H2'"  . DC  B 2 6  ? 3.968   5.391   -1.519  1.00 0.00 ? 16 DC  B "H2'"  1 
ATOM   538 H "H2''" . DC  B 2 6  ? 2.345   5.888   -0.932  1.00 0.00 ? 16 DC  B "H2''" 1 
ATOM   539 H "H1'"  . DC  B 2 6  ? 1.260   4.393   -2.399  1.00 0.00 ? 16 DC  B "H1'"  1 
ATOM   540 H H41    . DC  B 2 6  ? 4.479   -0.690  0.428   1.00 0.00 ? 16 DC  B H41    1 
ATOM   541 H H42    . DC  B 2 6  ? 2.738   -0.882  0.682   1.00 0.00 ? 16 DC  B H42    1 
ATOM   542 H H5     . DC  B 2 6  ? 5.394   1.245   -0.732  1.00 0.00 ? 16 DC  B H5     1 
ATOM   543 H H6     . DC  B 2 6  ? 4.780   3.328   -1.899  1.00 0.00 ? 16 DC  B H6     1 
ATOM   544 P P      . DT  B 2 7  ? 1.535   8.723   -2.341  1.00 0.00 ? 17 DT  B P      1 
ATOM   545 O OP1    . DT  B 2 7  ? 0.132   9.185   -2.539  1.00 0.00 ? 17 DT  B OP1    1 
ATOM   546 O OP2    . DT  B 2 7  ? 2.649   9.539   -2.905  1.00 0.00 ? 17 DT  B OP2    1 
ATOM   547 O "O5'"  . DT  B 2 7  ? 1.810   8.515   -0.748  1.00 0.00 ? 17 DT  B "O5'"  1 
ATOM   548 C "C5'"  . DT  B 2 7  ? 1.350   9.414   0.239   1.00 0.00 ? 17 DT  B "C5'"  1 
ATOM   549 C "C4'"  . DT  B 2 7  ? -0.109  9.122   0.666   1.00 0.00 ? 17 DT  B "C4'"  1 
ATOM   550 O "O4'"  . DT  B 2 7  ? -0.164  7.903   1.415   1.00 0.00 ? 17 DT  B "O4'"  1 
ATOM   551 C "C3'"  . DT  B 2 7  ? -0.673  10.225  1.556   1.00 0.00 ? 17 DT  B "C3'"  1 
ATOM   552 O "O3'"  . DT  B 2 7  ? -2.084  10.317  1.421   1.00 0.00 ? 17 DT  B "O3'"  1 
ATOM   553 C "C2'"  . DT  B 2 7  ? -0.213  9.732   2.937   1.00 0.00 ? 17 DT  B "C2'"  1 
ATOM   554 C "C1'"  . DT  B 2 7  ? -0.424  8.214   2.771   1.00 0.00 ? 17 DT  B "C1'"  1 
ATOM   555 N N1     . DT  B 2 7  ? 0.389   7.355   3.654   1.00 0.00 ? 17 DT  B N1     1 
ATOM   556 C C2     . DT  B 2 7  ? -0.279  6.383   4.415   1.00 0.00 ? 17 DT  B C2     1 
ATOM   557 O O2     . DT  B 2 7  ? -1.499  6.185   4.382   1.00 0.00 ? 17 DT  B O2     1 
ATOM   558 N N3     . DT  B 2 7  ? 0.493   5.595   5.241   1.00 0.00 ? 17 DT  B N3     1 
ATOM   559 C C4     . DT  B 2 7  ? 1.850   5.673   5.396   1.00 0.00 ? 17 DT  B C4     1 
ATOM   560 O O4     . DT  B 2 7  ? 2.386   4.870   6.134   1.00 0.00 ? 17 DT  B O4     1 
ATOM   561 C C5     . DT  B 2 7  ? 2.488   6.703   4.573   1.00 0.00 ? 17 DT  B C5     1 
ATOM   562 C C7     . DT  B 2 7  ? 4.001   6.883   4.612   1.00 0.00 ? 17 DT  B C7     1 
ATOM   563 C C6     . DT  B 2 7  ? 1.766   7.491   3.722   1.00 0.00 ? 17 DT  B C6     1 
ATOM   564 H "H5'"  . DT  B 2 7  ? 1.411   10.427  -0.159  1.00 0.00 ? 17 DT  B "H5'"  1 
ATOM   565 H "H5''" . DT  B 2 7  ? 2.010   9.332   1.103   1.00 0.00 ? 17 DT  B "H5''" 1 
ATOM   566 H "H4'"  . DT  B 2 7  ? -0.734  9.059   -0.225  1.00 0.00 ? 17 DT  B "H4'"  1 
ATOM   567 H "H3'"  . DT  B 2 7  ? -0.221  11.178  1.282   1.00 0.00 ? 17 DT  B "H3'"  1 
ATOM   568 H "H2'"  . DT  B 2 7  ? 0.837   9.985   3.086   1.00 0.00 ? 17 DT  B "H2'"  1 
ATOM   569 H "H2''" . DT  B 2 7  ? -0.798  10.136  3.763   1.00 0.00 ? 17 DT  B "H2''" 1 
ATOM   570 H "H1'"  . DT  B 2 7  ? -1.483  8.032   2.955   1.00 0.00 ? 17 DT  B "H1'"  1 
ATOM   571 H H3     . DT  B 2 7  ? 0.044   4.817   5.701   1.00 0.00 ? 17 DT  B H3     1 
ATOM   572 H H71    . DT  B 2 7  ? 4.339   7.652   3.918   1.00 0.00 ? 17 DT  B H71    1 
ATOM   573 H H72    . DT  B 2 7  ? 4.317   7.184   5.611   1.00 0.00 ? 17 DT  B H72    1 
ATOM   574 H H73    . DT  B 2 7  ? 4.494   5.945   4.360   1.00 0.00 ? 17 DT  B H73    1 
ATOM   575 H H6     . DT  B 2 7  ? 2.272   8.211   3.094   1.00 0.00 ? 17 DT  B H6     1 
ATOM   576 P P      . DT  B 2 8  ? -2.966  11.466  2.146   1.00 0.00 ? 18 DT  B P      1 
ATOM   577 O OP1    . DT  B 2 8  ? -4.004  11.917  1.177   1.00 0.00 ? 18 DT  B OP1    1 
ATOM   578 O OP2    . DT  B 2 8  ? -2.054  12.467  2.761   1.00 0.00 ? 18 DT  B OP2    1 
ATOM   579 O "O5'"  . DT  B 2 8  ? -3.679  10.636  3.337   1.00 0.00 ? 18 DT  B "O5'"  1 
ATOM   580 C "C5'"  . DT  B 2 8  ? -4.682  9.656   3.071   1.00 0.00 ? 18 DT  B "C5'"  1 
ATOM   581 C "C4'"  . DT  B 2 8  ? -5.239  9.035   4.363   1.00 0.00 ? 18 DT  B "C4'"  1 
ATOM   582 O "O4'"  . DT  B 2 8  ? -4.252  8.185   4.963   1.00 0.00 ? 18 DT  B "O4'"  1 
ATOM   583 C "C3'"  . DT  B 2 8  ? -5.642  10.122  5.409   1.00 0.00 ? 18 DT  B "C3'"  1 
ATOM   584 O "O3'"  . DT  B 2 8  ? -6.819  9.762   6.109   1.00 0.00 ? 18 DT  B "O3'"  1 
ATOM   585 C "C2'"  . DT  B 2 8  ? -4.514  10.005  6.433   1.00 0.00 ? 18 DT  B "C2'"  1 
ATOM   586 C "C1'"  . DT  B 2 8  ? -4.247  8.490   6.348   1.00 0.00 ? 18 DT  B "C1'"  1 
ATOM   587 N N1     . DT  B 2 8  ? -2.972  8.065   6.991   1.00 0.00 ? 18 DT  B N1     1 
ATOM   588 C C2     . DT  B 2 8  ? -3.039  7.073   7.994   1.00 0.00 ? 18 DT  B C2     1 
ATOM   589 O O2     . DT  B 2 8  ? -4.067  6.498   8.305   1.00 0.00 ? 18 DT  B O2     1 
ATOM   590 N N3     . DT  B 2 8  ? -1.882  6.817   8.682   1.00 0.00 ? 18 DT  B N3     1 
ATOM   591 C C4     . DT  B 2 8  ? -0.641  7.346   8.396   1.00 0.00 ? 18 DT  B C4     1 
ATOM   592 O O4     . DT  B 2 8  ? 0.327   7.002   9.066   1.00 0.00 ? 18 DT  B O4     1 
ATOM   593 C C5     . DT  B 2 8  ? -0.632  8.345   7.309   1.00 0.00 ? 18 DT  B C5     1 
ATOM   594 C C7     . DT  B 2 8  ? 0.671   8.983   6.903   1.00 0.00 ? 18 DT  B C7     1 
ATOM   595 C C6     . DT  B 2 8  ? -1.781  8.662   6.668   1.00 0.00 ? 18 DT  B C6     1 
ATOM   596 H "H5'"  . DT  B 2 8  ? -4.253  8.857   2.466   1.00 0.00 ? 18 DT  B "H5'"  1 
ATOM   597 H "H5''" . DT  B 2 8  ? -5.511  10.116  2.533   1.00 0.00 ? 18 DT  B "H5''" 1 
ATOM   598 H "H4'"  . DT  B 2 8  ? -6.118  8.438   4.121   1.00 0.00 ? 18 DT  B "H4'"  1 
ATOM   599 H "H3'"  . DT  B 2 8  ? -5.654  11.125  4.983   1.00 0.00 ? 18 DT  B "H3'"  1 
ATOM   600 H "H2'"  . DT  B 2 8  ? -3.650  10.575  6.094   1.00 0.00 ? 18 DT  B "H2'"  1 
ATOM   601 H "H2''" . DT  B 2 8  ? -4.827  10.343  7.420   1.00 0.00 ? 18 DT  B "H2''" 1 
ATOM   602 H "H1'"  . DT  B 2 8  ? -5.092  7.990   6.823   1.00 0.00 ? 18 DT  B "H1'"  1 
ATOM   603 H H3     . DT  B 2 8  ? -1.924  6.141   9.432   1.00 0.00 ? 18 DT  B H3     1 
ATOM   604 H H71    . DT  B 2 8  ? 0.522   9.550   5.984   1.00 0.00 ? 18 DT  B H71    1 
ATOM   605 H H72    . DT  B 2 8  ? 1.413   8.196   6.763   1.00 0.00 ? 18 DT  B H72    1 
ATOM   606 H H73    . DT  B 2 8  ? 1.017   9.655   7.689   1.00 0.00 ? 18 DT  B H73    1 
ATOM   607 H H6     . DT  B 2 8  ? -1.795  9.391   5.872   1.00 0.00 ? 18 DT  B H6     1 
ATOM   608 P P      . DA  B 2 9  ? -8.304  10.107  5.592   1.00 0.00 ? 19 DA  B P      1 
ATOM   609 O OP1    . DA  B 2 9  ? -8.475  9.634   4.205   1.00 0.00 ? 19 DA  B OP1    1 
ATOM   610 O OP2    . DA  B 2 9  ? -8.578  11.520  5.926   1.00 0.00 ? 19 DA  B OP2    1 
ATOM   611 O "O5'"  . DA  B 2 9  ? -9.196  9.164   6.571   1.00 0.00 ? 19 DA  B "O5'"  1 
ATOM   612 C "C5'"  . DA  B 2 9  ? -9.349  7.774   6.306   1.00 0.00 ? 19 DA  B "C5'"  1 
ATOM   613 C "C4'"  . DA  B 2 9  ? -9.574  6.917   7.568   1.00 0.00 ? 19 DA  B "C4'"  1 
ATOM   614 O "O4'"  . DA  B 2 9  ? -8.347  6.788   8.294   1.00 0.00 ? 19 DA  B "O4'"  1 
ATOM   615 C "C3'"  . DA  B 2 9  ? -10.629 7.497   8.533   1.00 0.00 ? 19 DA  B "C3'"  1 
ATOM   616 O "O3'"  . DA  B 2 9  ? -11.326 6.396   9.106   1.00 0.00 ? 19 DA  B "O3'"  1 
ATOM   617 C "C2'"  . DA  B 2 9  ? -9.758  8.267   9.524   1.00 0.00 ? 19 DA  B "C2'"  1 
ATOM   618 C "C1'"  . DA  B 2 9  ? -8.498  7.381   9.575   1.00 0.00 ? 19 DA  B "C1'"  1 
ATOM   619 N N9     . DA  B 2 9  ? -7.254  8.119   9.890   1.00 0.00 ? 19 DA  B N9     1 
ATOM   620 C C8     . DA  B 2 9  ? -6.870  9.382   9.477   1.00 0.00 ? 19 DA  B C8     1 
ATOM   621 N N7     . DA  B 2 9  ? -5.666  9.729   9.840   1.00 0.00 ? 19 DA  B N7     1 
ATOM   622 C C5     . DA  B 2 9  ? -5.212  8.594   10.532  1.00 0.00 ? 19 DA  B C5     1 
ATOM   623 C C6     . DA  B 2 9  ? -3.997  8.222   11.149  1.00 0.00 ? 19 DA  B C6     1 
ATOM   624 N N6     . DA  B 2 9  ? -2.923  8.975   11.204  1.00 0.00 ? 19 DA  B N6     1 
ATOM   625 N N1     . DA  B 2 9  ? -3.863  7.053   11.770  1.00 0.00 ? 19 DA  B N1     1 
ATOM   626 C C2     . DA  B 2 9  ? -4.891  6.221   11.754  1.00 0.00 ? 19 DA  B C2     1 
ATOM   627 N N3     . DA  B 2 9  ? -6.083  6.388   11.199  1.00 0.00 ? 19 DA  B N3     1 
ATOM   628 C C4     . DA  B 2 9  ? -6.176  7.621   10.594  1.00 0.00 ? 19 DA  B C4     1 
ATOM   629 H "H5'"  . DA  B 2 9  ? -8.470  7.404   5.776   1.00 0.00 ? 19 DA  B "H5'"  1 
ATOM   630 H "H5''" . DA  B 2 9  ? -10.201 7.649   5.638   1.00 0.00 ? 19 DA  B "H5''" 1 
ATOM   631 H "H4'"  . DA  B 2 9  ? -9.921  5.934   7.247   1.00 0.00 ? 19 DA  B "H4'"  1 
ATOM   632 H "H3'"  . DA  B 2 9  ? -11.342 8.143   8.018   1.00 0.00 ? 19 DA  B "H3'"  1 
ATOM   633 H "H2'"  . DA  B 2 9  ? -9.559  9.260   9.122   1.00 0.00 ? 19 DA  B "H2'"  1 
ATOM   634 H "H2''" . DA  B 2 9  ? -10.208 8.353   10.514  1.00 0.00 ? 19 DA  B "H2''" 1 
ATOM   635 H "H1'"  . DA  B 2 9  ? -8.645  6.591   10.311  1.00 0.00 ? 19 DA  B "H1'"  1 
ATOM   636 H H8     . DA  B 2 9  ? -7.523  10.039  8.923   1.00 0.00 ? 19 DA  B H8     1 
ATOM   637 H H61    . DA  B 2 9  ? -2.091  8.664   11.686  1.00 0.00 ? 19 DA  B H61    1 
ATOM   638 H H62    . DA  B 2 9  ? -2.941  9.875   10.747  1.00 0.00 ? 19 DA  B H62    1 
ATOM   639 H H2     . DA  B 2 9  ? -4.758  5.293   12.288  1.00 0.00 ? 19 DA  B H2     1 
ATOM   640 P P      . DG  B 2 10 ? -12.470 6.545   10.234  1.00 0.00 ? 20 DG  B P      1 
ATOM   641 O OP1    . DG  B 2 10 ? -13.402 5.397   10.084  1.00 0.00 ? 20 DG  B OP1    1 
ATOM   642 O OP2    . DG  B 2 10 ? -13.020 7.928   10.199  1.00 0.00 ? 20 DG  B OP2    1 
ATOM   643 O "O5'"  . DG  B 2 10 ? -11.676 6.311   11.620  1.00 0.00 ? 20 DG  B "O5'"  1 
ATOM   644 C "C5'"  . DG  B 2 10 ? -11.132 5.051   11.956  1.00 0.00 ? 20 DG  B "C5'"  1 
ATOM   645 C "C4'"  . DG  B 2 10 ? -10.282 5.099   13.229  1.00 0.00 ? 20 DG  B "C4'"  1 
ATOM   646 O "O4'"  . DG  B 2 10 ? -9.102  5.846   13.023  1.00 0.00 ? 20 DG  B "O4'"  1 
ATOM   647 C "C3'"  . DG  B 2 10 ? -11.009 5.687   14.452  1.00 0.00 ? 20 DG  B "C3'"  1 
ATOM   648 O "O3'"  . DG  B 2 10 ? -11.022 4.807   15.575  1.00 0.00 ? 20 DG  B "O3'"  1 
ATOM   649 C "C2'"  . DG  B 2 10 ? -10.165 6.922   14.764  1.00 0.00 ? 20 DG  B "C2'"  1 
ATOM   650 C "C1'"  . DG  B 2 10 ? -8.805  6.481   14.243  1.00 0.00 ? 20 DG  B "C1'"  1 
ATOM   651 N N9     . DG  B 2 10 ? -7.854  7.600   14.008  1.00 0.00 ? 20 DG  B N9     1 
ATOM   652 C C8     . DG  B 2 10 ? -8.063  8.789   13.345  1.00 0.00 ? 20 DG  B C8     1 
ATOM   653 N N7     . DG  B 2 10 ? -6.999  9.546   13.292  1.00 0.00 ? 20 DG  B N7     1 
ATOM   654 C C5     . DG  B 2 10 ? -6.035  8.840   14.032  1.00 0.00 ? 20 DG  B C5     1 
ATOM   655 C C6     . DG  B 2 10 ? -4.660  9.150   14.360  1.00 0.00 ? 20 DG  B C6     1 
ATOM   656 O O6     . DG  B 2 10 ? -3.999  10.152  14.081  1.00 0.00 ? 20 DG  B O6     1 
ATOM   657 N N1     . DG  B 2 10 ? -4.035  8.176   15.124  1.00 0.00 ? 20 DG  B N1     1 
ATOM   658 C C2     . DG  B 2 10 ? -4.639  7.037   15.525  1.00 0.00 ? 20 DG  B C2     1 
ATOM   659 N N2     . DG  B 2 10 ? -3.987  6.219   16.302  1.00 0.00 ? 20 DG  B N2     1 
ATOM   660 N N3     . DG  B 2 10 ? -5.895  6.698   15.237  1.00 0.00 ? 20 DG  B N3     1 
ATOM   661 C C4     . DG  B 2 10 ? -6.552  7.641   14.475  1.00 0.00 ? 20 DG  B C4     1 
ATOM   662 H "H5'"  . DG  B 2 10 ? -10.522 4.674   11.135  1.00 0.00 ? 20 DG  B "H5'"  1 
ATOM   663 H "H5''" . DG  B 2 10 ? -11.938 4.332   12.101  1.00 0.00 ? 20 DG  B "H5''" 1 
ATOM   664 H "H4'"  . DG  B 2 10 ? -9.989  4.077   13.471  1.00 0.00 ? 20 DG  B "H4'"  1 
ATOM   665 H "H3'"  . DG  B 2 10 ? -12.025 5.980   14.190  1.00 0.00 ? 20 DG  B "H3'"  1 
ATOM   666 H "HO3'" . DG  B 2 10 ? -11.581 4.054   15.373  1.00 0.00 ? 20 DG  B "HO3'" 1 
ATOM   667 H "H2'"  . DG  B 2 10 ? -10.533 7.788   14.212  1.00 0.00 ? 20 DG  B "H2'"  1 
ATOM   668 H "H2''" . DG  B 2 10 ? -10.095 7.112   15.836  1.00 0.00 ? 20 DG  B "H2''" 1 
ATOM   669 H "H1'"  . DG  B 2 10 ? -8.386  5.764   14.949  1.00 0.00 ? 20 DG  B "H1'"  1 
ATOM   670 H H8     . DG  B 2 10 ? -9.011  9.047   12.897  1.00 0.00 ? 20 DG  B H8     1 
ATOM   671 H H1     . DG  B 2 10 ? -3.086  8.367   15.415  1.00 0.00 ? 20 DG  B H1     1 
ATOM   672 H H21    . DG  B 2 10 ? -4.462  5.380   16.604  1.00 0.00 ? 20 DG  B H21    1 
ATOM   673 H H22    . DG  B 2 10 ? -3.035  6.423   16.570  1.00 0.00 ? 20 DG  B H22    1 
# 
